data_9GCF
#
_entry.id   9GCF
#
_cell.length_a   90.324
_cell.length_b   108.450
_cell.length_c   142.160
_cell.angle_alpha   90.00
_cell.angle_beta   90.00
_cell.angle_gamma   90.00
#
_symmetry.space_group_name_H-M   'P 21 21 21'
#
loop_
_entity.id
_entity.type
_entity.pdbx_description
1 polymer 'Phosphatidylinositol 4,5-bisphosphate 3-kinase catalytic subunit delta isoform'
2 polymer 'Phosphatidylinositol 3-kinase regulatory subunit alpha'
3 non-polymer 3-[(1S)-1-[4-azanyl-3-(5-oxidanylpyridin-3-yl)pyrazolo[3,4-d]pyrimidin-1-yl]ethyl]-4-[3-[(4-methylpiperazin-1-yl)methyl]phenyl]isochromen-1-one
#
loop_
_entity_poly.entity_id
_entity_poly.type
_entity_poly.pdbx_seq_one_letter_code
_entity_poly.pdbx_strand_id
1 'polypeptide(L)'
;MPPGVDCPMEFWTKEENQSVVVDFLLPTGVYLNFPVSRNANLSTIKQLLWHRAQYEPLFHMLSGPEAYVFTCINQTAEQQ
ELEDEQRRLCDVQPFLPVLRLVAREGDRVKKLINSQISLLIGKGLHEFDSLCDPEVNDFRAKMCQFCEEAAARRQQLGWE
AWLQYSFPLQLEPSAQTWGPGTLRLPNRALLVNVKFEGSEESFTFQVSTKDVPLALMACALRKKATVFRQPLVEQPEDYT
LQVNGRHEYLYGSYPLCQFQYICSCLHSGLTPHLTMVHSSSILAMRDEQSNPAPQVQKPRAKPPPIPAKKPSSVSLWSLE
QPFRIELIQGSKVNADERMKLVVQAGLFHGNEMLCKTVSSSEVSVCSEPVWKQRLEFDINICDLPRMARLCFALYAVIEK
AKKARSTKKKSKKADCPIAWANLMLFDYKDQLKTGERCLYMWPSVPDEKGELLNPTGTVRSNPNTDSAAALLICLPEVAP
HPVYYPALEKILELGRHSECVHVTEEEQLQLREILERRGSGELYEHEKDLVWKLRHEVQEHFPEALARLLLVTKWNKHED
VAQMLYLLCSWPELPVLSALELLDFSFPDCHVGSFAIKSLRKLTDDELFQYLLQLVQVLKYESYLDCELTKFLLDRALAN
RKIGHFLFWHLRSEMHVPSVALRFGLILEAYCRGSTHHMKVLMKQGEALSKLKALNDFVKLSSQKTPKPQTKELMHLCMR
QEAYLEALSHLQSPLDPSTLLAEVCVEQCTFMDSKMKPLWIMYSNEEAGSGGSVGIIFKNGDDLRQDMLTLQMIQLMDVL
WKQEGLDLRMTPYGCLPTGDRTGLIEVVLRSDTIANIQLNKSNMAATAAFNKDALLNWLKSKNPGEALDRAIEEFTLSCA
GYCVATYVLGIGDRHSDNIMIRESGQLFHIDFGHFLGNFKTKFGINRERVPFILTYDFVHVIQQGKTNNSEKFERFRGYC
ERAYTILRRHGLLFLHLFALMRAAGLPELSCSKDIQYLKDSLALGKTEEEALKHFRVKFNEALRESWKTKVNWLAHNVSK
DNRQ
;
A
2 'polypeptide(L)'
;YQQDQVVKEDNIEAVGKKLHEYNTQFQEKSREYDRLYEDYTRTSQEIQMKRTAIEAFNETIKIFEEQCQTQERYSKEYIE
KFKREGNETEIQRIMHNYEKLKSRISEIVDSRRRLEEDLKKQAAEYREIDKRMNSIKPDLIQLRKTRDQYLMWLTQKGVR
QKKLNEWLGN
;
B
#
# COMPACT_ATOMS: atom_id res chain seq x y z
N GLN A 18 -36.10 -9.63 -3.09
CA GLN A 18 -35.65 -8.36 -3.77
C GLN A 18 -36.51 -7.15 -3.34
N SER A 19 -36.61 -6.94 -2.03
CA SER A 19 -37.47 -5.89 -1.46
C SER A 19 -37.12 -5.63 0.01
N VAL A 20 -37.34 -4.40 0.47
CA VAL A 20 -36.99 -4.00 1.84
C VAL A 20 -37.84 -2.82 2.33
N VAL A 21 -38.21 -2.87 3.62
CA VAL A 21 -39.04 -1.87 4.28
C VAL A 21 -38.16 -0.69 4.68
N VAL A 22 -38.51 0.50 4.19
CA VAL A 22 -37.71 1.73 4.37
C VAL A 22 -38.48 2.75 5.21
N ASP A 23 -37.81 3.28 6.23
CA ASP A 23 -38.36 4.37 7.05
C ASP A 23 -38.14 5.68 6.32
N PHE A 24 -39.21 6.49 6.19
CA PHE A 24 -39.15 7.79 5.54
C PHE A 24 -39.49 8.88 6.53
N LEU A 25 -38.74 9.98 6.50
CA LEU A 25 -38.90 11.08 7.45
C LEU A 25 -39.07 12.39 6.69
N LEU A 26 -40.30 12.91 6.72
CA LEU A 26 -40.67 14.11 5.98
C LEU A 26 -40.34 15.33 6.84
N PRO A 27 -40.01 16.48 6.19
CA PRO A 27 -39.57 17.68 6.93
C PRO A 27 -40.63 18.37 7.82
N THR A 28 -41.91 17.98 7.66
CA THR A 28 -42.98 18.40 8.58
C THR A 28 -43.03 17.59 9.89
N GLY A 29 -42.21 16.54 10.01
CA GLY A 29 -42.18 15.66 11.18
C GLY A 29 -42.91 14.34 10.99
N VAL A 30 -43.52 14.16 9.81
CA VAL A 30 -44.34 12.98 9.52
C VAL A 30 -43.44 11.80 9.15
N TYR A 31 -43.92 10.60 9.47
CA TYR A 31 -43.19 9.36 9.33
C TYR A 31 -43.97 8.37 8.46
N LEU A 32 -43.43 8.05 7.29
CA LEU A 32 -43.95 7.00 6.40
C LEU A 32 -43.03 5.79 6.42
N ASN A 33 -43.61 4.61 6.19
CA ASN A 33 -42.90 3.34 6.27
C ASN A 33 -43.56 2.35 5.31
N PHE A 34 -42.81 1.93 4.28
CA PHE A 34 -43.34 1.01 3.26
C PHE A 34 -42.23 0.35 2.43
N PRO A 35 -42.52 -0.84 1.84
CA PRO A 35 -41.47 -1.56 1.11
C PRO A 35 -41.14 -0.97 -0.26
N VAL A 36 -39.87 -1.07 -0.64
CA VAL A 36 -39.39 -0.72 -1.99
C VAL A 36 -38.37 -1.75 -2.45
N SER A 37 -38.15 -1.82 -3.76
CA SER A 37 -37.16 -2.74 -4.32
C SER A 37 -35.76 -2.20 -4.09
N ARG A 38 -34.81 -3.12 -3.91
CA ARG A 38 -33.41 -2.77 -3.70
C ARG A 38 -32.73 -2.21 -4.96
N ASN A 39 -33.08 -2.77 -6.11
CA ASN A 39 -32.57 -2.28 -7.41
C ASN A 39 -33.16 -0.95 -7.87
N ALA A 40 -34.28 -0.53 -7.27
CA ALA A 40 -34.92 0.74 -7.60
C ALA A 40 -34.07 1.92 -7.14
N ASN A 41 -33.84 2.87 -8.05
CA ASN A 41 -33.05 4.07 -7.75
C ASN A 41 -33.79 5.07 -6.86
N LEU A 42 -33.07 6.08 -6.39
CA LEU A 42 -33.61 7.05 -5.44
C LEU A 42 -34.67 7.98 -6.05
N SER A 43 -34.48 8.36 -7.31
CA SER A 43 -35.46 9.19 -8.03
C SER A 43 -36.81 8.48 -8.13
N THR A 44 -36.75 7.19 -8.46
CA THR A 44 -37.93 6.31 -8.46
C THR A 44 -38.54 6.17 -7.06
N ILE A 45 -37.69 5.99 -6.03
CA ILE A 45 -38.12 5.91 -4.63
C ILE A 45 -38.82 7.20 -4.15
N LYS A 46 -38.34 8.35 -4.61
CA LYS A 46 -38.95 9.63 -4.27
C LYS A 46 -40.36 9.77 -4.85
N GLN A 47 -40.57 9.26 -6.07
CA GLN A 47 -41.90 9.26 -6.69
C GLN A 47 -42.91 8.40 -5.91
N LEU A 48 -42.49 7.21 -5.49
CA LEU A 48 -43.34 6.34 -4.66
C LEU A 48 -43.65 6.98 -3.32
N LEU A 49 -42.68 7.73 -2.77
CA LEU A 49 -42.86 8.43 -1.50
C LEU A 49 -43.94 9.50 -1.60
N TRP A 50 -43.82 10.36 -2.61
CA TRP A 50 -44.84 11.40 -2.85
C TRP A 50 -46.23 10.81 -3.11
N HIS A 51 -46.29 9.66 -3.78
CA HIS A 51 -47.55 8.97 -4.04
C HIS A 51 -48.23 8.46 -2.76
N ARG A 52 -47.44 8.12 -1.74
CA ARG A 52 -47.97 7.73 -0.41
C ARG A 52 -48.08 8.90 0.56
N ALA A 53 -47.28 9.95 0.35
CA ALA A 53 -47.29 11.13 1.21
C ALA A 53 -48.58 11.96 1.09
N GLN A 54 -49.18 11.97 -0.11
CA GLN A 54 -50.47 12.63 -0.33
C GLN A 54 -51.61 12.05 0.49
N TYR A 55 -51.52 10.77 0.86
CA TYR A 55 -52.50 10.12 1.75
C TYR A 55 -52.08 10.14 3.24
N GLU A 56 -51.20 11.08 3.60
CA GLU A 56 -50.71 11.27 4.97
C GLU A 56 -50.79 12.77 5.30
N PRO A 57 -50.87 13.12 6.60
CA PRO A 57 -51.07 14.53 6.99
C PRO A 57 -49.94 15.48 6.60
N LEU A 58 -50.29 16.76 6.54
CA LEU A 58 -49.36 17.86 6.26
C LEU A 58 -48.68 17.78 4.88
N PHE A 59 -49.37 17.20 3.90
CA PHE A 59 -48.82 17.06 2.54
C PHE A 59 -48.79 18.38 1.79
N HIS A 60 -49.92 19.09 1.82
CA HIS A 60 -50.08 20.44 1.26
C HIS A 60 -48.99 21.47 1.57
N MET A 61 -48.35 21.33 2.74
CA MET A 61 -47.24 22.24 3.14
C MET A 61 -45.87 21.86 2.56
N LEU A 62 -45.72 20.63 2.07
CA LEU A 62 -44.47 20.21 1.41
C LEU A 62 -44.33 20.87 0.04
N SER A 63 -43.10 21.24 -0.30
CA SER A 63 -42.75 21.66 -1.65
C SER A 63 -42.71 20.43 -2.56
N GLY A 64 -42.34 20.64 -3.82
CA GLY A 64 -42.18 19.54 -4.79
C GLY A 64 -40.98 18.64 -4.49
N PRO A 65 -40.93 17.46 -5.10
CA PRO A 65 -39.89 16.47 -4.83
C PRO A 65 -38.46 16.91 -5.21
N GLU A 66 -38.34 17.64 -6.32
CA GLU A 66 -37.04 18.15 -6.78
C GLU A 66 -36.45 19.26 -5.88
N ALA A 67 -37.29 19.88 -5.04
CA ALA A 67 -36.83 20.81 -4.01
C ALA A 67 -36.09 20.13 -2.84
N TYR A 68 -36.38 18.85 -2.59
CA TYR A 68 -35.74 18.08 -1.53
C TYR A 68 -34.69 17.09 -2.05
N VAL A 69 -33.86 16.63 -1.12
CA VAL A 69 -32.85 15.59 -1.37
C VAL A 69 -32.83 14.60 -0.19
N PHE A 70 -32.62 13.32 -0.49
CA PHE A 70 -32.57 12.30 0.55
C PHE A 70 -31.26 12.39 1.34
N THR A 71 -31.35 12.00 2.61
CA THR A 71 -30.20 11.87 3.50
C THR A 71 -30.29 10.50 4.17
N CYS A 72 -29.15 9.81 4.27
CA CYS A 72 -29.05 8.52 4.96
C CYS A 72 -27.84 8.52 5.88
N ILE A 73 -27.73 7.44 6.65
CA ILE A 73 -26.53 7.15 7.46
C ILE A 73 -25.77 6.03 6.74
N ASN A 74 -24.68 6.39 6.06
CA ASN A 74 -23.87 5.42 5.29
C ASN A 74 -23.05 4.46 6.19
N GLN A 75 -22.36 3.51 5.56
CA GLN A 75 -21.61 2.47 6.28
C GLN A 75 -20.53 3.01 7.24
N THR A 76 -19.94 4.16 6.89
CA THR A 76 -18.97 4.86 7.75
C THR A 76 -19.61 5.75 8.84
N ALA A 77 -20.91 5.59 9.09
CA ALA A 77 -21.67 6.30 10.13
C ALA A 77 -21.72 7.82 9.95
N GLU A 78 -21.77 8.27 8.70
CA GLU A 78 -21.88 9.70 8.37
C GLU A 78 -23.17 9.99 7.62
N GLN A 79 -23.77 11.15 7.91
CA GLN A 79 -24.86 11.66 7.08
C GLN A 79 -24.32 11.98 5.70
N GLN A 80 -25.07 11.57 4.69
CA GLN A 80 -24.69 11.75 3.29
C GLN A 80 -25.88 12.32 2.55
N GLU A 81 -25.73 13.53 2.01
CA GLU A 81 -26.73 14.10 1.11
C GLU A 81 -26.61 13.38 -0.23
N LEU A 82 -27.62 12.58 -0.55
CA LEU A 82 -27.63 11.73 -1.73
C LEU A 82 -28.09 12.51 -2.97
N GLU A 83 -27.18 13.33 -3.50
CA GLU A 83 -27.49 14.21 -4.64
C GLU A 83 -27.74 13.46 -5.94
N ASP A 84 -26.90 12.47 -6.25
CA ASP A 84 -27.08 11.62 -7.43
C ASP A 84 -28.19 10.59 -7.17
N GLU A 85 -29.36 10.86 -7.72
CA GLU A 85 -30.56 10.02 -7.50
C GLU A 85 -30.72 8.89 -8.52
N GLN A 86 -29.77 8.76 -9.44
CA GLN A 86 -29.65 7.58 -10.30
C GLN A 86 -28.93 6.41 -9.60
N ARG A 87 -28.52 6.60 -8.34
CA ARG A 87 -27.94 5.52 -7.54
C ARG A 87 -29.04 4.57 -7.08
N ARG A 88 -28.74 3.27 -7.10
CA ARG A 88 -29.64 2.25 -6.60
C ARG A 88 -29.46 2.13 -5.09
N LEU A 89 -30.55 1.87 -4.38
CA LEU A 89 -30.53 1.76 -2.91
C LEU A 89 -29.54 0.69 -2.41
N CYS A 90 -29.42 -0.41 -3.16
CA CYS A 90 -28.42 -1.45 -2.87
C CYS A 90 -26.97 -0.94 -3.02
N ASP A 91 -26.74 -0.07 -4.00
CA ASP A 91 -25.44 0.58 -4.19
C ASP A 91 -25.15 1.69 -3.18
N VAL A 92 -26.20 2.38 -2.70
CA VAL A 92 -26.04 3.42 -1.67
C VAL A 92 -25.59 2.82 -0.34
N GLN A 93 -26.12 1.64 0.00
CA GLN A 93 -25.76 0.91 1.22
C GLN A 93 -25.92 1.78 2.49
N PRO A 94 -27.17 2.13 2.83
CA PRO A 94 -27.41 2.82 4.08
C PRO A 94 -27.33 1.82 5.24
N PHE A 95 -26.94 2.30 6.42
CA PHE A 95 -26.73 1.42 7.58
C PHE A 95 -28.03 0.70 7.94
N LEU A 96 -29.06 1.50 8.23
CA LEU A 96 -30.44 1.00 8.33
C LEU A 96 -31.23 1.66 7.21
N PRO A 97 -32.32 1.02 6.74
CA PRO A 97 -33.08 1.59 5.63
C PRO A 97 -33.93 2.77 6.11
N VAL A 98 -33.28 3.94 6.18
CA VAL A 98 -33.84 5.16 6.76
C VAL A 98 -33.46 6.34 5.88
N LEU A 99 -34.44 6.90 5.17
CA LEU A 99 -34.23 8.09 4.35
C LEU A 99 -34.96 9.29 4.96
N ARG A 100 -34.33 10.46 4.88
CA ARG A 100 -34.83 11.70 5.44
C ARG A 100 -34.71 12.82 4.40
N LEU A 101 -35.80 13.53 4.16
CA LEU A 101 -35.81 14.61 3.17
C LEU A 101 -35.31 15.90 3.80
N VAL A 102 -34.41 16.59 3.10
CA VAL A 102 -33.82 17.85 3.56
C VAL A 102 -33.67 18.82 2.39
N ALA A 103 -33.42 20.08 2.71
CA ALA A 103 -33.39 21.16 1.72
C ALA A 103 -32.19 21.05 0.78
N ARG A 104 -32.46 21.09 -0.53
CA ARG A 104 -31.44 20.99 -1.57
C ARG A 104 -30.86 22.37 -1.89
N GLU A 105 -30.11 22.92 -0.94
CA GLU A 105 -29.43 24.22 -1.09
C GLU A 105 -28.32 24.42 -0.06
N GLY A 106 -27.46 25.39 -0.35
CA GLY A 106 -26.24 25.64 0.43
C GLY A 106 -25.02 25.25 -0.39
N ASP A 107 -23.90 25.05 0.29
CA ASP A 107 -22.65 24.64 -0.36
C ASP A 107 -22.67 23.12 -0.61
N ARG A 108 -23.37 22.73 -1.67
CA ARG A 108 -23.51 21.30 -2.02
C ARG A 108 -22.25 20.69 -2.63
N VAL A 109 -21.30 21.52 -3.07
CA VAL A 109 -20.06 21.03 -3.69
C VAL A 109 -19.18 20.36 -2.64
N LYS A 110 -18.87 21.07 -1.55
CA LYS A 110 -18.09 20.51 -0.44
C LYS A 110 -18.81 19.33 0.25
N LYS A 111 -20.13 19.43 0.37
CA LYS A 111 -20.96 18.36 0.95
C LYS A 111 -20.88 17.07 0.14
N LEU A 112 -20.95 17.19 -1.19
CA LEU A 112 -20.87 16.03 -2.10
C LEU A 112 -19.49 15.36 -2.06
N ILE A 113 -18.43 16.18 -2.07
CA ILE A 113 -17.05 15.68 -2.06
C ILE A 113 -16.71 15.02 -0.73
N ASN A 114 -17.02 15.71 0.38
CA ASN A 114 -16.72 15.20 1.74
C ASN A 114 -17.29 13.81 2.03
N SER A 115 -18.50 13.53 1.57
CA SER A 115 -19.11 12.21 1.72
C SER A 115 -18.50 11.17 0.77
N GLN A 116 -18.35 11.55 -0.50
CA GLN A 116 -17.71 10.69 -1.50
C GLN A 116 -16.26 10.31 -1.16
N ILE A 117 -15.54 11.19 -0.46
CA ILE A 117 -14.21 10.88 0.07
C ILE A 117 -14.29 9.76 1.11
N SER A 118 -15.16 9.93 2.10
CA SER A 118 -15.31 8.97 3.22
C SER A 118 -15.51 7.54 2.78
N LEU A 119 -16.39 7.35 1.79
CA LEU A 119 -16.66 6.04 1.20
C LEU A 119 -15.46 5.51 0.42
N LEU A 120 -14.85 6.39 -0.35
CA LEU A 120 -13.77 6.03 -1.28
C LEU A 120 -12.48 5.58 -0.57
N ILE A 121 -12.11 6.30 0.50
CA ILE A 121 -10.91 5.97 1.29
C ILE A 121 -11.13 4.84 2.32
N GLY A 122 -12.38 4.42 2.53
CA GLY A 122 -12.70 3.40 3.54
C GLY A 122 -12.47 3.88 4.97
N LYS A 123 -12.83 5.13 5.24
CA LYS A 123 -12.73 5.74 6.58
C LYS A 123 -13.50 7.06 6.60
N GLY A 124 -14.34 7.26 7.63
CA GLY A 124 -15.15 8.47 7.74
C GLY A 124 -14.35 9.66 8.21
N LEU A 125 -14.58 10.82 7.60
CA LEU A 125 -13.85 12.06 7.95
C LEU A 125 -14.13 12.55 9.37
N HIS A 126 -15.31 12.19 9.90
CA HIS A 126 -15.64 12.47 11.31
C HIS A 126 -14.69 11.78 12.31
N GLU A 127 -14.09 10.64 11.91
CA GLU A 127 -13.12 9.93 12.75
C GLU A 127 -11.83 10.73 12.94
N PHE A 128 -11.48 11.57 11.96
CA PHE A 128 -10.38 12.53 12.13
C PHE A 128 -10.74 13.65 13.11
N ASP A 129 -11.98 14.14 13.03
CA ASP A 129 -12.48 15.15 13.96
C ASP A 129 -12.60 14.61 15.39
N SER A 130 -13.12 13.39 15.52
CA SER A 130 -13.34 12.75 16.83
C SER A 130 -12.11 12.65 17.74
N LEU A 131 -10.92 12.56 17.13
CA LEU A 131 -9.65 12.56 17.86
C LEU A 131 -9.34 13.86 18.61
N CYS A 132 -9.94 14.97 18.17
CA CYS A 132 -9.72 16.31 18.77
C CYS A 132 -8.23 16.67 18.81
N ASP A 133 -7.51 16.31 17.75
CA ASP A 133 -6.07 16.43 17.66
C ASP A 133 -5.75 17.68 16.83
N PRO A 134 -4.96 18.64 17.38
CA PRO A 134 -4.56 19.78 16.56
C PRO A 134 -3.66 19.41 15.38
N GLU A 135 -2.70 18.49 15.60
CA GLU A 135 -1.82 18.00 14.53
C GLU A 135 -2.60 17.49 13.32
N VAL A 136 -3.67 16.75 13.58
CA VAL A 136 -4.54 16.23 12.53
C VAL A 136 -5.26 17.39 11.82
N ASN A 137 -5.86 18.28 12.61
CA ASN A 137 -6.63 19.41 12.07
C ASN A 137 -5.78 20.37 11.25
N ASP A 138 -4.56 20.63 11.70
CA ASP A 138 -3.60 21.47 10.96
C ASP A 138 -3.06 20.80 9.70
N PHE A 139 -2.96 19.47 9.70
CA PHE A 139 -2.63 18.71 8.47
C PHE A 139 -3.75 18.85 7.46
N ARG A 140 -4.97 18.60 7.90
CA ARG A 140 -6.16 18.73 7.05
C ARG A 140 -6.30 20.15 6.51
N ALA A 141 -6.11 21.15 7.36
CA ALA A 141 -6.18 22.56 6.96
C ALA A 141 -5.18 22.89 5.87
N LYS A 142 -3.91 22.58 6.12
CA LYS A 142 -2.81 22.94 5.23
C LYS A 142 -2.85 22.19 3.91
N MET A 143 -2.99 20.86 3.98
CA MET A 143 -2.88 20.01 2.79
C MET A 143 -4.06 20.11 1.85
N CYS A 144 -5.28 20.18 2.40
CA CYS A 144 -6.48 20.38 1.59
C CYS A 144 -6.47 21.74 0.87
N GLN A 145 -6.08 22.78 1.59
CA GLN A 145 -5.91 24.12 1.01
C GLN A 145 -4.86 24.10 -0.10
N PHE A 146 -3.71 23.50 0.18
CA PHE A 146 -2.63 23.35 -0.81
C PHE A 146 -3.09 22.58 -2.05
N CYS A 147 -3.76 21.45 -1.81
CA CYS A 147 -4.27 20.61 -2.90
C CYS A 147 -5.38 21.28 -3.71
N GLU A 148 -6.31 21.93 -3.03
CA GLU A 148 -7.41 22.66 -3.71
C GLU A 148 -6.88 23.75 -4.64
N GLU A 149 -5.88 24.50 -4.18
CA GLU A 149 -5.22 25.55 -4.99
C GLU A 149 -4.61 24.99 -6.28
N ALA A 150 -3.91 23.86 -6.18
CA ALA A 150 -3.31 23.21 -7.36
C ALA A 150 -4.37 22.75 -8.38
N ALA A 151 -5.49 22.23 -7.89
CA ALA A 151 -6.61 21.82 -8.75
C ALA A 151 -7.25 23.02 -9.45
N ALA A 152 -7.42 24.11 -8.71
CA ALA A 152 -7.88 25.38 -9.28
C ALA A 152 -6.91 25.88 -10.35
N ARG A 153 -5.63 25.95 -9.98
CA ARG A 153 -4.55 26.36 -10.90
C ARG A 153 -4.42 25.46 -12.14
N ARG A 154 -4.75 24.18 -11.99
CA ARG A 154 -4.80 23.24 -13.12
C ARG A 154 -5.87 23.63 -14.13
N GLN A 155 -7.03 24.06 -13.64
CA GLN A 155 -8.18 24.38 -14.50
C GLN A 155 -7.97 25.66 -15.33
N GLN A 156 -7.36 26.68 -14.72
CA GLN A 156 -6.98 27.92 -15.43
C GLN A 156 -5.98 27.68 -16.55
N LEU A 157 -5.08 26.71 -16.36
CA LEU A 157 -4.06 26.35 -17.35
C LEU A 157 -4.64 25.76 -18.65
N GLY A 158 -3.84 25.77 -19.70
CA GLY A 158 -4.28 25.36 -21.04
C GLY A 158 -4.56 23.89 -21.25
N TRP A 159 -5.04 23.56 -22.45
CA TRP A 159 -5.43 22.18 -22.81
C TRP A 159 -4.25 21.23 -22.99
N GLU A 160 -3.14 21.75 -23.54
CA GLU A 160 -1.92 20.97 -23.71
C GLU A 160 -1.35 20.53 -22.37
N ALA A 161 -1.26 21.47 -21.43
CA ALA A 161 -0.79 21.21 -20.07
C ALA A 161 -1.70 20.26 -19.29
N TRP A 162 -3.02 20.39 -19.51
CA TRP A 162 -3.99 19.47 -18.94
C TRP A 162 -3.82 18.06 -19.51
N LEU A 163 -3.50 17.98 -20.79
CA LEU A 163 -3.21 16.69 -21.45
C LEU A 163 -1.96 16.03 -20.85
N GLN A 164 -0.95 16.83 -20.52
CA GLN A 164 0.25 16.34 -19.82
C GLN A 164 -0.11 15.81 -18.43
N TYR A 165 -0.96 16.54 -17.71
CA TYR A 165 -1.44 16.10 -16.40
C TYR A 165 -2.21 14.79 -16.50
N SER A 166 -3.25 14.80 -17.33
CA SER A 166 -4.21 13.70 -17.37
C SER A 166 -3.65 12.45 -18.02
N PHE A 167 -3.13 12.62 -19.24
CA PHE A 167 -2.66 11.51 -20.08
C PHE A 167 -1.18 11.69 -20.43
N PRO A 168 -0.28 11.53 -19.43
CA PRO A 168 1.14 11.73 -19.66
C PRO A 168 1.74 10.69 -20.61
N LEU A 169 2.89 11.05 -21.17
CA LEU A 169 3.48 10.31 -22.26
C LEU A 169 4.07 8.99 -21.76
N GLN A 170 3.59 7.88 -22.34
CA GLN A 170 4.15 6.56 -22.07
C GLN A 170 5.17 6.26 -23.16
N LEU A 171 6.46 6.38 -22.80
CA LEU A 171 7.58 6.17 -23.72
C LEU A 171 8.44 4.99 -23.29
N GLU A 172 9.16 4.42 -24.26
CA GLU A 172 10.18 3.39 -23.99
C GLU A 172 11.40 4.02 -23.33
N PRO A 173 12.22 3.21 -22.61
CA PRO A 173 13.42 3.76 -21.97
C PRO A 173 14.41 4.39 -22.96
N SER A 174 14.25 5.69 -23.19
CA SER A 174 15.08 6.46 -24.12
C SER A 174 14.87 7.95 -23.89
N ASN A 187 15.83 2.78 -38.72
CA ASN A 187 14.94 3.52 -39.61
C ASN A 187 14.12 2.60 -40.50
N ARG A 188 12.79 2.69 -40.38
CA ARG A 188 11.84 1.91 -41.18
C ARG A 188 10.69 2.79 -41.65
N ALA A 189 9.83 2.23 -42.50
CA ALA A 189 8.66 2.95 -43.04
C ALA A 189 7.44 2.03 -43.07
N LEU A 190 6.68 2.04 -41.98
CA LEU A 190 5.47 1.21 -41.82
C LEU A 190 4.20 2.05 -41.97
N LEU A 191 3.10 1.38 -42.31
CA LEU A 191 1.78 2.03 -42.46
C LEU A 191 1.19 2.49 -41.12
N VAL A 192 0.15 3.33 -41.19
CA VAL A 192 -0.57 3.81 -40.00
C VAL A 192 -2.01 4.24 -40.34
N ASN A 193 -2.99 3.57 -39.72
CA ASN A 193 -4.41 3.81 -40.01
C ASN A 193 -4.98 4.96 -39.18
N VAL A 194 -4.96 6.16 -39.78
CA VAL A 194 -5.45 7.37 -39.11
C VAL A 194 -6.96 7.54 -39.32
N LYS A 195 -7.62 8.11 -38.31
CA LYS A 195 -9.06 8.43 -38.35
C LYS A 195 -9.31 9.80 -37.69
N PHE A 196 -10.57 10.25 -37.74
CA PHE A 196 -11.02 11.47 -37.05
C PHE A 196 -12.27 11.19 -36.21
N GLU A 197 -12.56 12.10 -35.28
CA GLU A 197 -13.67 11.95 -34.33
C GLU A 197 -15.01 12.20 -35.02
N GLY A 198 -15.85 11.15 -35.08
CA GLY A 198 -17.17 11.22 -35.71
C GLY A 198 -17.26 10.46 -37.04
N SER A 199 -16.26 10.65 -37.89
CA SER A 199 -16.22 10.03 -39.23
C SER A 199 -15.91 8.53 -39.16
N GLU A 200 -16.62 7.74 -39.97
CA GLU A 200 -16.43 6.29 -40.03
C GLU A 200 -15.26 5.86 -40.92
N GLU A 201 -14.89 6.70 -41.90
CA GLU A 201 -13.81 6.40 -42.85
C GLU A 201 -12.42 6.54 -42.21
N SER A 202 -11.46 5.78 -42.74
CA SER A 202 -10.07 5.79 -42.26
C SER A 202 -9.08 5.97 -43.42
N PHE A 203 -7.83 6.28 -43.06
CA PHE A 203 -6.77 6.57 -44.04
C PHE A 203 -5.49 5.80 -43.69
N THR A 204 -5.11 4.85 -44.55
CA THR A 204 -3.88 4.06 -44.40
C THR A 204 -2.81 4.61 -45.35
N PHE A 205 -1.62 4.87 -44.80
CA PHE A 205 -0.48 5.38 -45.58
C PHE A 205 0.84 5.24 -44.82
N GLN A 206 1.94 5.13 -45.58
CA GLN A 206 3.27 4.90 -45.00
C GLN A 206 3.86 6.19 -44.38
N VAL A 207 4.41 6.05 -43.18
CA VAL A 207 5.11 7.14 -42.47
C VAL A 207 6.34 6.55 -41.77
N SER A 208 7.40 7.35 -41.66
CA SER A 208 8.67 6.90 -41.06
C SER A 208 8.63 6.78 -39.54
N THR A 209 9.53 5.95 -39.01
CA THR A 209 9.59 5.65 -37.57
C THR A 209 10.11 6.82 -36.73
N LYS A 210 11.05 7.59 -37.28
CA LYS A 210 11.72 8.67 -36.54
C LYS A 210 11.07 10.06 -36.68
N ASP A 211 9.85 10.12 -37.22
CA ASP A 211 9.13 11.41 -37.37
C ASP A 211 8.57 11.92 -36.04
N VAL A 212 8.49 13.24 -35.92
CA VAL A 212 7.90 13.93 -34.77
C VAL A 212 6.40 14.04 -35.06
N PRO A 213 5.52 13.73 -34.07
CA PRO A 213 4.08 13.57 -34.33
C PRO A 213 3.31 14.77 -34.91
N LEU A 214 3.88 15.98 -34.82
CA LEU A 214 3.35 17.15 -35.55
C LEU A 214 3.31 16.92 -37.07
N ALA A 215 4.36 16.29 -37.60
CA ALA A 215 4.44 15.91 -39.02
C ALA A 215 3.39 14.86 -39.41
N LEU A 216 3.18 13.87 -38.53
CA LEU A 216 2.18 12.81 -38.76
C LEU A 216 0.75 13.33 -38.85
N MET A 217 0.43 14.33 -38.04
CA MET A 217 -0.87 15.00 -38.09
C MET A 217 -1.06 15.78 -39.39
N ALA A 218 -0.03 16.55 -39.78
CA ALA A 218 -0.03 17.32 -41.02
C ALA A 218 -0.33 16.46 -42.26
N CYS A 219 0.32 15.30 -42.33
CA CYS A 219 0.10 14.33 -43.41
C CYS A 219 -1.35 13.86 -43.49
N ALA A 220 -1.94 13.55 -42.34
CA ALA A 220 -3.35 13.13 -42.24
C ALA A 220 -4.33 14.29 -42.49
N LEU A 221 -3.94 15.49 -42.06
CA LEU A 221 -4.77 16.69 -42.24
C LEU A 221 -4.90 17.11 -43.72
N ARG A 222 -3.81 16.97 -44.48
CA ARG A 222 -3.83 17.20 -45.93
C ARG A 222 -4.67 16.14 -46.67
N LYS A 223 -4.60 14.90 -46.21
CA LYS A 223 -5.45 13.81 -46.73
C LYS A 223 -6.95 14.04 -46.51
N LYS A 224 -7.30 14.72 -45.40
CA LYS A 224 -8.69 15.10 -45.12
C LYS A 224 -9.23 16.12 -46.12
N ALA A 225 -8.40 17.11 -46.46
CA ALA A 225 -8.75 18.11 -47.47
C ALA A 225 -8.70 17.51 -48.88
N THR A 226 -7.55 16.94 -49.23
CA THR A 226 -7.35 16.30 -50.52
C THR A 226 -8.02 14.92 -50.55
N PRO A 236 -2.95 21.86 -37.48
CA PRO A 236 -1.86 21.04 -36.98
C PRO A 236 -1.64 21.18 -35.47
N GLU A 237 -1.34 22.39 -35.01
CA GLU A 237 -1.07 22.65 -33.59
C GLU A 237 -2.31 22.56 -32.68
N ASP A 238 -3.51 22.69 -33.26
CA ASP A 238 -4.78 22.60 -32.52
C ASP A 238 -5.34 21.17 -32.37
N TYR A 239 -4.58 20.16 -32.82
CA TYR A 239 -4.97 18.76 -32.67
C TYR A 239 -3.91 17.97 -31.89
N THR A 240 -4.28 16.74 -31.53
CA THR A 240 -3.35 15.75 -30.96
C THR A 240 -3.86 14.34 -31.27
N LEU A 241 -2.93 13.39 -31.43
CA LEU A 241 -3.28 12.01 -31.78
C LEU A 241 -3.71 11.21 -30.56
N GLN A 242 -4.43 10.11 -30.83
CA GLN A 242 -4.98 9.23 -29.78
C GLN A 242 -5.09 7.80 -30.29
N VAL A 243 -4.71 6.84 -29.44
CA VAL A 243 -4.84 5.41 -29.76
C VAL A 243 -6.29 4.99 -29.55
N ASN A 244 -6.77 4.10 -30.42
CA ASN A 244 -8.16 3.63 -30.37
C ASN A 244 -8.40 2.66 -29.21
N GLY A 245 -9.51 2.87 -28.50
CA GLY A 245 -9.85 2.08 -27.30
C GLY A 245 -8.92 2.31 -26.12
N ARG A 246 -8.30 3.49 -26.07
CA ARG A 246 -7.31 3.83 -25.05
C ARG A 246 -7.28 5.34 -24.80
N HIS A 247 -6.81 5.72 -23.61
CA HIS A 247 -6.51 7.11 -23.29
C HIS A 247 -4.98 7.33 -23.30
N GLU A 248 -4.34 6.94 -24.41
CA GLU A 248 -2.91 7.13 -24.63
C GLU A 248 -2.73 8.04 -25.84
N TYR A 249 -2.16 9.23 -25.61
CA TYR A 249 -2.10 10.29 -26.62
C TYR A 249 -0.66 10.52 -27.07
N LEU A 250 -0.46 10.62 -28.39
CA LEU A 250 0.86 10.84 -28.99
C LEU A 250 1.06 12.33 -29.25
N TYR A 251 2.08 12.92 -28.58
CA TYR A 251 2.36 14.35 -28.70
C TYR A 251 3.74 14.73 -28.13
N GLY A 252 4.14 15.98 -28.35
CA GLY A 252 5.39 16.52 -27.81
C GLY A 252 6.55 16.41 -28.77
N SER A 253 7.74 16.72 -28.25
CA SER A 253 8.97 16.79 -29.05
C SER A 253 9.59 15.44 -29.46
N TYR A 254 9.17 14.35 -28.84
CA TYR A 254 9.75 13.02 -29.07
C TYR A 254 9.38 12.44 -30.45
N PRO A 255 10.22 11.53 -31.00
CA PRO A 255 9.90 10.85 -32.25
C PRO A 255 8.90 9.72 -32.05
N LEU A 256 8.35 9.22 -33.15
CA LEU A 256 7.33 8.16 -33.08
C LEU A 256 7.84 6.82 -32.54
N CYS A 257 9.11 6.49 -32.80
CA CYS A 257 9.69 5.20 -32.37
C CYS A 257 9.77 5.02 -30.85
N GLN A 258 9.92 6.13 -30.11
CA GLN A 258 10.03 6.09 -28.64
C GLN A 258 8.72 5.89 -27.87
N PHE A 259 7.57 5.88 -28.57
CA PHE A 259 6.28 5.59 -27.94
C PHE A 259 6.06 4.09 -27.77
N GLN A 260 5.41 3.71 -26.66
CA GLN A 260 5.16 2.29 -26.35
C GLN A 260 4.20 1.63 -27.33
N TYR A 261 3.18 2.36 -27.77
CA TYR A 261 2.21 1.84 -28.75
C TYR A 261 2.84 1.58 -30.11
N ILE A 262 3.67 2.51 -30.56
CA ILE A 262 4.35 2.42 -31.86
C ILE A 262 5.38 1.30 -31.81
N CYS A 263 6.25 1.35 -30.80
CA CYS A 263 7.29 0.34 -30.56
C CYS A 263 6.74 -1.10 -30.50
N SER A 264 5.56 -1.24 -29.88
CA SER A 264 4.84 -2.52 -29.84
C SER A 264 4.32 -2.95 -31.21
N CYS A 265 3.79 -1.99 -31.97
CA CYS A 265 3.26 -2.24 -33.32
C CYS A 265 4.34 -2.56 -34.36
N LEU A 266 5.47 -1.86 -34.29
CA LEU A 266 6.62 -2.12 -35.17
C LEU A 266 7.20 -3.53 -34.96
N HIS A 267 7.45 -3.88 -33.71
CA HIS A 267 8.05 -5.18 -33.35
C HIS A 267 7.14 -6.37 -33.66
N SER A 268 5.85 -6.25 -33.33
CA SER A 268 4.88 -7.32 -33.52
C SER A 268 4.55 -7.55 -35.00
N GLY A 269 4.22 -6.46 -35.70
CA GLY A 269 3.90 -6.49 -37.13
C GLY A 269 2.65 -5.71 -37.51
N LEU A 270 1.70 -5.59 -36.59
CA LEU A 270 0.41 -4.94 -36.86
C LEU A 270 0.52 -3.44 -37.09
N THR A 271 -0.51 -2.89 -37.72
CA THR A 271 -0.57 -1.46 -38.08
C THR A 271 -1.18 -0.66 -36.92
N PRO A 272 -0.56 0.49 -36.54
CA PRO A 272 -1.17 1.38 -35.55
C PRO A 272 -2.48 2.01 -36.02
N HIS A 273 -3.50 1.97 -35.16
CA HIS A 273 -4.80 2.57 -35.43
C HIS A 273 -5.00 3.78 -34.53
N LEU A 274 -4.96 4.97 -35.13
CA LEU A 274 -5.03 6.23 -34.39
C LEU A 274 -6.35 6.96 -34.62
N THR A 275 -6.50 8.09 -33.93
CA THR A 275 -7.64 9.02 -34.08
C THR A 275 -7.14 10.44 -33.86
N MET A 276 -7.69 11.38 -34.64
CA MET A 276 -7.33 12.81 -34.54
C MET A 276 -8.36 13.57 -33.73
N VAL A 277 -8.00 13.92 -32.49
CA VAL A 277 -8.88 14.62 -31.56
C VAL A 277 -8.56 16.12 -31.57
N HIS A 278 -9.61 16.93 -31.58
CA HIS A 278 -9.50 18.40 -31.60
C HIS A 278 -9.33 18.93 -30.18
N SER A 279 -8.67 20.09 -30.05
CA SER A 279 -8.45 20.75 -28.75
C SER A 279 -9.74 21.13 -28.00
N SER A 280 -10.83 21.33 -28.74
CA SER A 280 -12.17 21.53 -28.15
C SER A 280 -12.64 20.31 -27.36
N SER A 281 -12.45 19.12 -27.95
CA SER A 281 -12.80 17.85 -27.30
C SER A 281 -11.95 17.55 -26.04
N ILE A 282 -10.75 18.10 -25.99
CA ILE A 282 -9.89 18.02 -24.79
C ILE A 282 -10.44 18.93 -23.69
N LEU A 283 -10.87 20.13 -24.07
CA LEU A 283 -11.52 21.06 -23.12
C LEU A 283 -12.85 20.50 -22.60
N ALA A 284 -13.56 19.72 -23.41
CA ALA A 284 -14.76 19.01 -22.96
C ALA A 284 -14.47 18.01 -21.84
N MET A 285 -13.34 17.31 -21.92
CA MET A 285 -12.87 16.43 -20.85
C MET A 285 -12.46 17.23 -19.60
N ARG A 286 -11.79 18.36 -19.82
CA ARG A 286 -11.40 19.27 -18.74
C ARG A 286 -12.60 19.81 -17.95
N ASP A 287 -13.70 20.10 -18.65
CA ASP A 287 -14.92 20.63 -18.04
C ASP A 287 -15.82 19.50 -17.54
N GLU A 288 -16.25 18.64 -18.47
CA GLU A 288 -17.10 17.49 -18.14
C GLU A 288 -16.23 16.33 -17.66
N SER A 315 14.69 28.78 27.26
CA SER A 315 15.35 28.05 26.18
C SER A 315 15.68 26.61 26.57
N LEU A 316 15.87 25.76 25.55
CA LEU A 316 16.15 24.33 25.75
C LEU A 316 17.56 24.07 26.26
N TRP A 317 18.55 24.79 25.69
CA TRP A 317 19.96 24.66 26.11
C TRP A 317 20.27 25.25 27.50
N SER A 318 19.35 26.07 28.04
CA SER A 318 19.44 26.56 29.42
C SER A 318 19.24 25.45 30.46
N LEU A 319 18.19 24.65 30.27
CA LEU A 319 17.80 23.63 31.24
C LEU A 319 18.72 22.40 31.18
N GLU A 320 19.70 22.36 32.08
CA GLU A 320 20.69 21.27 32.15
C GLU A 320 20.32 20.11 33.09
N GLN A 321 19.08 20.07 33.58
CA GLN A 321 18.64 19.01 34.50
C GLN A 321 18.53 17.66 33.77
N PRO A 322 18.76 16.53 34.48
CA PRO A 322 18.67 15.21 33.84
C PRO A 322 17.23 14.82 33.50
N PHE A 323 17.05 14.13 32.39
CA PHE A 323 15.72 13.77 31.88
C PHE A 323 15.09 12.64 32.69
N ARG A 324 13.79 12.75 32.93
CA ARG A 324 13.04 11.81 33.77
C ARG A 324 11.56 11.76 33.38
N ILE A 325 10.87 10.72 33.87
CA ILE A 325 9.43 10.56 33.62
C ILE A 325 8.73 9.75 34.73
N GLU A 326 7.47 10.08 34.99
CA GLU A 326 6.66 9.42 36.01
C GLU A 326 5.84 8.28 35.40
N LEU A 327 6.23 7.04 35.71
CA LEU A 327 5.46 5.86 35.33
C LEU A 327 4.34 5.64 36.34
N ILE A 328 3.13 6.05 35.99
CA ILE A 328 1.98 6.01 36.91
C ILE A 328 1.34 4.63 36.96
N GLN A 329 0.59 4.28 35.92
CA GLN A 329 -0.31 3.13 35.93
C GLN A 329 -0.36 2.43 34.57
N GLY A 330 -0.64 1.14 34.59
CA GLY A 330 -0.99 0.38 33.38
C GLY A 330 -2.48 0.08 33.39
N SER A 331 -3.04 -0.14 32.21
CA SER A 331 -4.47 -0.44 32.07
C SER A 331 -4.70 -1.59 31.09
N LYS A 332 -5.64 -2.47 31.43
CA LYS A 332 -6.13 -3.54 30.54
C LYS A 332 -5.04 -4.50 30.06
N VAL A 333 -4.26 -5.01 31.02
CA VAL A 333 -3.22 -6.01 30.77
C VAL A 333 -3.83 -7.41 30.88
N ASN A 334 -3.37 -8.31 30.01
CA ASN A 334 -3.87 -9.68 29.93
C ASN A 334 -2.70 -10.67 29.93
N ALA A 335 -2.28 -11.07 31.13
CA ALA A 335 -1.14 -11.98 31.32
C ALA A 335 -1.40 -12.99 32.43
N ASP A 336 -0.49 -13.95 32.58
CA ASP A 336 -0.61 -14.99 33.60
C ASP A 336 -0.37 -14.39 35.00
N GLU A 337 -1.24 -14.74 35.94
CA GLU A 337 -1.24 -14.16 37.28
C GLU A 337 0.01 -14.50 38.12
N ARG A 338 0.57 -15.70 37.90
CA ARG A 338 1.78 -16.16 38.60
C ARG A 338 3.00 -15.24 38.41
N MET A 339 3.16 -14.69 37.20
CA MET A 339 4.28 -13.80 36.88
C MET A 339 4.12 -12.41 37.51
N LYS A 340 5.12 -11.54 37.31
CA LYS A 340 5.09 -10.13 37.71
C LYS A 340 5.44 -9.25 36.51
N LEU A 341 4.83 -8.07 36.44
CA LEU A 341 4.99 -7.14 35.31
C LEU A 341 6.17 -6.19 35.50
N VAL A 342 6.94 -5.99 34.43
CA VAL A 342 8.04 -5.01 34.38
C VAL A 342 7.86 -4.12 33.15
N VAL A 343 8.21 -2.84 33.29
CA VAL A 343 8.15 -1.86 32.20
C VAL A 343 9.57 -1.46 31.82
N GLN A 344 10.06 -2.03 30.72
CA GLN A 344 11.33 -1.60 30.13
C GLN A 344 11.13 -0.27 29.40
N ALA A 345 12.13 0.61 29.48
CA ALA A 345 12.07 1.93 28.87
C ALA A 345 13.45 2.43 28.42
N GLY A 346 13.47 3.22 27.35
CA GLY A 346 14.72 3.75 26.82
C GLY A 346 14.49 4.81 25.75
N LEU A 347 15.41 5.77 25.67
CA LEU A 347 15.36 6.85 24.69
C LEU A 347 16.09 6.44 23.43
N PHE A 348 15.63 6.95 22.29
CA PHE A 348 16.18 6.58 20.98
C PHE A 348 16.17 7.74 19.98
N HIS A 349 17.07 7.65 19.01
CA HIS A 349 17.07 8.49 17.82
C HIS A 349 17.44 7.60 16.64
N GLY A 350 16.45 7.23 15.84
CA GLY A 350 16.62 6.23 14.79
C GLY A 350 16.70 4.85 15.42
N ASN A 351 17.72 4.08 15.03
N ASN A 351 17.71 4.07 15.02
CA ASN A 351 17.98 2.75 15.56
CA ASN A 351 17.94 2.74 15.60
C ASN A 351 19.20 2.71 16.47
C ASN A 351 19.19 2.72 16.48
N GLU A 352 19.35 3.75 17.30
CA GLU A 352 20.51 3.90 18.19
C GLU A 352 20.04 4.40 19.56
N MET A 353 20.51 3.75 20.63
CA MET A 353 20.24 4.20 21.99
C MET A 353 21.00 5.49 22.28
N LEU A 354 20.31 6.45 22.89
CA LEU A 354 20.93 7.69 23.37
C LEU A 354 21.56 7.50 24.76
N CYS A 355 20.88 6.72 25.61
CA CYS A 355 21.36 6.43 26.97
C CYS A 355 20.99 4.98 27.36
N LYS A 356 21.34 4.60 28.59
CA LYS A 356 21.04 3.26 29.11
C LYS A 356 19.54 3.00 29.25
N THR A 357 19.15 1.73 29.16
CA THR A 357 17.75 1.31 29.24
C THR A 357 17.31 1.17 30.69
N VAL A 358 16.51 2.14 31.15
CA VAL A 358 15.98 2.15 32.53
C VAL A 358 14.84 1.14 32.64
N SER A 359 14.72 0.49 33.79
CA SER A 359 13.67 -0.49 34.05
C SER A 359 12.96 -0.20 35.37
N SER A 360 11.72 -0.68 35.48
CA SER A 360 10.87 -0.43 36.65
C SER A 360 10.92 -1.58 37.66
N SER A 361 10.39 -1.32 38.84
CA SER A 361 10.25 -2.33 39.88
C SER A 361 9.08 -3.26 39.53
N GLU A 362 9.14 -4.47 40.08
CA GLU A 362 8.16 -5.52 39.75
C GLU A 362 6.86 -5.32 40.52
N VAL A 363 5.74 -5.61 39.83
CA VAL A 363 4.39 -5.54 40.42
C VAL A 363 3.64 -6.78 39.95
N SER A 364 2.70 -7.25 40.77
CA SER A 364 1.93 -8.45 40.47
C SER A 364 1.02 -8.26 39.25
N VAL A 365 0.81 -9.35 38.50
CA VAL A 365 0.05 -9.30 37.24
C VAL A 365 -1.43 -9.15 37.55
N CYS A 366 -1.96 -7.96 37.26
CA CYS A 366 -3.39 -7.69 37.29
C CYS A 366 -3.74 -6.87 36.05
N SER A 367 -5.02 -6.56 35.89
CA SER A 367 -5.47 -5.71 34.78
C SER A 367 -4.99 -4.26 34.94
N GLU A 368 -5.03 -3.74 36.16
CA GLU A 368 -4.69 -2.35 36.46
C GLU A 368 -3.47 -2.24 37.39
N PRO A 369 -2.26 -2.55 36.88
CA PRO A 369 -1.05 -2.43 37.70
C PRO A 369 -0.67 -0.98 37.99
N VAL A 370 -0.09 -0.74 39.15
CA VAL A 370 0.26 0.60 39.62
C VAL A 370 1.74 0.64 40.03
N TRP A 371 2.42 1.72 39.65
CA TRP A 371 3.85 1.89 39.89
C TRP A 371 4.17 3.21 40.61
N LYS A 372 3.74 4.32 40.00
CA LYS A 372 3.94 5.68 40.53
C LYS A 372 5.42 6.06 40.71
N GLN A 373 6.29 5.47 39.87
CA GLN A 373 7.73 5.59 40.04
C GLN A 373 8.32 6.68 39.18
N ARG A 374 9.41 7.27 39.66
CA ARG A 374 10.23 8.19 38.88
C ARG A 374 11.25 7.34 38.13
N LEU A 375 11.45 7.61 36.84
CA LEU A 375 12.40 6.86 36.00
C LEU A 375 13.42 7.82 35.37
N GLU A 376 14.54 8.01 36.06
CA GLU A 376 15.57 8.96 35.65
C GLU A 376 16.53 8.35 34.63
N PHE A 377 16.75 9.06 33.53
CA PHE A 377 17.67 8.63 32.46
C PHE A 377 19.00 9.38 32.54
N ASP A 378 20.04 8.77 31.97
CA ASP A 378 21.39 9.37 31.93
C ASP A 378 21.55 10.24 30.68
N ILE A 379 20.77 11.33 30.63
CA ILE A 379 20.89 12.35 29.59
C ILE A 379 20.14 13.62 30.03
N ASN A 380 20.71 14.78 29.73
CA ASN A 380 20.08 16.06 30.08
C ASN A 380 18.96 16.42 29.12
N ILE A 381 18.13 17.37 29.54
CA ILE A 381 17.02 17.88 28.74
C ILE A 381 17.55 18.70 27.56
N CYS A 382 18.60 19.49 27.81
CA CYS A 382 19.29 20.24 26.75
C CYS A 382 19.95 19.34 25.70
N ASP A 383 20.46 18.19 26.14
CA ASP A 383 21.16 17.23 25.26
C ASP A 383 20.27 16.42 24.29
N LEU A 384 18.95 16.42 24.51
CA LEU A 384 18.01 15.70 23.63
C LEU A 384 18.01 16.24 22.20
N PRO A 385 17.99 15.34 21.18
CA PRO A 385 17.83 15.76 19.78
C PRO A 385 16.38 16.01 19.40
N ARG A 386 16.16 16.57 18.21
CA ARG A 386 14.82 16.96 17.73
C ARG A 386 13.85 15.80 17.62
N MET A 387 14.33 14.67 17.10
CA MET A 387 13.48 13.50 16.85
C MET A 387 13.71 12.42 17.92
N ALA A 388 13.77 12.83 19.18
CA ALA A 388 13.98 11.92 20.30
C ALA A 388 12.67 11.19 20.60
N ARG A 389 12.75 9.87 20.77
CA ARG A 389 11.56 9.06 21.05
C ARG A 389 11.74 8.15 22.27
N LEU A 390 10.85 8.32 23.25
CA LEU A 390 10.82 7.47 24.42
C LEU A 390 10.07 6.19 24.08
N CYS A 391 10.80 5.09 24.02
CA CYS A 391 10.25 3.79 23.63
C CYS A 391 10.02 2.93 24.87
N PHE A 392 8.79 2.45 25.04
CA PHE A 392 8.40 1.57 26.15
C PHE A 392 8.22 0.12 25.71
N ALA A 393 8.26 -0.78 26.70
CA ALA A 393 7.87 -2.18 26.52
C ALA A 393 7.42 -2.79 27.84
N LEU A 394 6.21 -3.36 27.85
CA LEU A 394 5.67 -4.05 29.02
C LEU A 394 6.00 -5.53 28.92
N TYR A 395 6.68 -6.05 29.94
CA TYR A 395 7.10 -7.45 29.99
C TYR A 395 6.38 -8.20 31.12
N ALA A 396 6.62 -9.51 31.18
CA ALA A 396 6.16 -10.35 32.29
C ALA A 396 7.26 -11.35 32.68
N VAL A 397 8.05 -10.97 33.68
CA VAL A 397 9.14 -11.82 34.20
C VAL A 397 8.66 -12.62 35.40
N ILE A 398 9.50 -13.58 35.84
CA ILE A 398 9.31 -14.30 37.10
C ILE A 398 10.13 -13.59 38.18
N GLU A 399 9.58 -13.51 39.39
CA GLU A 399 10.06 -12.62 40.46
C GLU A 399 11.57 -12.68 40.76
N LYS A 400 12.06 -13.90 41.02
CA LYS A 400 13.48 -14.13 41.34
C LYS A 400 14.36 -13.85 40.12
N ASP A 415 11.64 -15.00 29.04
CA ASP A 415 10.87 -13.79 29.31
C ASP A 415 9.73 -13.59 28.29
N CYS A 416 8.77 -12.75 28.67
CA CYS A 416 7.54 -12.55 27.93
C CYS A 416 7.31 -11.08 27.61
N PRO A 417 7.48 -10.66 26.33
CA PRO A 417 7.09 -9.31 25.93
C PRO A 417 5.59 -9.25 25.66
N ILE A 418 4.87 -8.42 26.42
CA ILE A 418 3.43 -8.27 26.30
C ILE A 418 3.11 -7.28 25.19
N ALA A 419 3.63 -6.07 25.34
CA ALA A 419 3.31 -4.95 24.44
C ALA A 419 4.42 -3.91 24.40
N TRP A 420 4.28 -2.95 23.50
CA TRP A 420 5.25 -1.85 23.32
C TRP A 420 4.55 -0.59 22.84
N ALA A 421 5.20 0.55 23.04
CA ALA A 421 4.70 1.83 22.54
C ALA A 421 5.80 2.89 22.53
N ASN A 422 5.84 3.70 21.49
CA ASN A 422 6.82 4.78 21.33
C ASN A 422 6.15 6.14 21.40
N LEU A 423 6.90 7.14 21.86
CA LEU A 423 6.39 8.50 22.01
C LEU A 423 7.48 9.51 21.72
N MET A 424 7.15 10.50 20.89
CA MET A 424 8.07 11.59 20.56
C MET A 424 8.05 12.61 21.69
N LEU A 425 9.24 13.00 22.17
CA LEU A 425 9.38 13.93 23.30
C LEU A 425 8.94 15.35 22.93
N PHE A 426 9.37 15.82 21.75
CA PHE A 426 8.88 17.07 21.19
C PHE A 426 7.67 16.80 20.27
N ASP A 427 6.73 17.74 20.23
CA ASP A 427 5.54 17.63 19.39
C ASP A 427 5.83 18.17 17.97
N TYR A 428 4.80 18.21 17.12
CA TYR A 428 4.94 18.71 15.74
C TYR A 428 5.30 20.20 15.62
N LYS A 429 4.87 21.01 16.59
CA LYS A 429 5.23 22.45 16.65
C LYS A 429 6.58 22.75 17.34
N ASP A 430 7.37 21.72 17.64
CA ASP A 430 8.72 21.81 18.26
C ASP A 430 8.73 22.05 19.78
N GLN A 431 7.56 22.03 20.42
CA GLN A 431 7.45 22.22 21.87
C GLN A 431 7.72 20.90 22.58
N LEU A 432 8.52 20.94 23.65
CA LEU A 432 8.76 19.76 24.50
C LEU A 432 7.48 19.42 25.27
N LYS A 433 7.08 18.15 25.21
CA LYS A 433 5.79 17.73 25.77
C LYS A 433 5.83 17.69 27.30
N THR A 434 4.71 18.08 27.90
CA THR A 434 4.51 18.03 29.34
C THR A 434 3.11 17.52 29.66
N GLY A 435 2.92 17.10 30.91
CA GLY A 435 1.64 16.59 31.39
C GLY A 435 1.42 15.11 31.11
N GLU A 436 0.24 14.62 31.50
CA GLU A 436 -0.10 13.21 31.35
C GLU A 436 -0.34 12.83 29.89
N ARG A 437 0.16 11.63 29.52
CA ARG A 437 -0.04 11.06 28.19
C ARG A 437 -0.49 9.61 28.40
N CYS A 438 -1.65 9.26 27.84
CA CYS A 438 -2.17 7.89 27.89
C CYS A 438 -1.80 7.16 26.58
N LEU A 439 -0.72 6.38 26.63
CA LEU A 439 -0.22 5.63 25.47
C LEU A 439 -0.90 4.27 25.36
N TYR A 440 -1.74 4.10 24.34
CA TYR A 440 -2.40 2.83 24.08
C TYR A 440 -1.43 1.95 23.27
N MET A 441 -0.98 0.86 23.89
CA MET A 441 0.15 0.07 23.38
C MET A 441 -0.22 -0.94 22.31
N TRP A 442 0.77 -1.27 21.48
CA TRP A 442 0.66 -2.30 20.46
C TRP A 442 1.19 -3.63 21.00
N PRO A 443 0.58 -4.76 20.60
CA PRO A 443 1.06 -6.06 21.06
C PRO A 443 2.43 -6.41 20.48
N SER A 444 3.26 -7.07 21.29
CA SER A 444 4.58 -7.52 20.86
C SER A 444 4.45 -8.86 20.14
N VAL A 445 5.09 -8.97 18.98
CA VAL A 445 5.21 -10.23 18.25
C VAL A 445 6.63 -10.77 18.52
N PRO A 446 6.76 -12.08 18.82
CA PRO A 446 8.10 -12.66 18.97
C PRO A 446 8.77 -12.85 17.60
N ASP A 447 10.05 -12.52 17.52
CA ASP A 447 10.81 -12.54 16.26
C ASP A 447 12.26 -12.97 16.48
N GLU A 448 12.94 -13.27 15.36
CA GLU A 448 14.32 -13.80 15.37
C GLU A 448 15.35 -12.91 16.07
N LYS A 449 15.13 -11.58 16.03
CA LYS A 449 16.01 -10.64 16.72
C LYS A 449 15.84 -10.75 18.23
N GLY A 450 14.62 -10.53 18.70
CA GLY A 450 14.30 -10.67 20.13
C GLY A 450 14.91 -9.58 20.99
N GLU A 451 14.72 -8.33 20.58
CA GLU A 451 15.27 -7.18 21.30
C GLU A 451 14.42 -6.84 22.53
N LEU A 452 14.96 -5.96 23.37
CA LEU A 452 14.24 -5.45 24.55
C LEU A 452 13.09 -4.53 24.11
N LEU A 453 13.45 -3.50 23.34
CA LEU A 453 12.49 -2.50 22.86
C LEU A 453 12.32 -2.59 21.33
N ASN A 454 11.32 -1.86 20.83
CA ASN A 454 11.02 -1.78 19.40
C ASN A 454 10.99 -0.31 18.95
N PRO A 455 12.17 0.33 18.84
CA PRO A 455 12.23 1.74 18.44
C PRO A 455 11.85 2.02 16.97
N THR A 456 12.01 1.03 16.10
CA THR A 456 11.63 1.16 14.68
C THR A 456 10.11 1.22 14.44
N GLY A 457 9.31 0.81 15.42
CA GLY A 457 7.85 0.86 15.33
C GLY A 457 7.27 2.26 15.22
N THR A 458 5.98 2.32 14.89
CA THR A 458 5.27 3.60 14.71
C THR A 458 5.11 4.35 16.04
N VAL A 459 5.16 5.68 15.98
CA VAL A 459 4.89 6.53 17.15
C VAL A 459 3.39 6.70 17.42
N ARG A 460 2.56 6.55 16.40
CA ARG A 460 1.12 6.78 16.53
C ARG A 460 0.48 5.72 17.43
N SER A 461 -0.44 6.15 18.28
CA SER A 461 -1.05 5.28 19.28
C SER A 461 -2.01 4.28 18.65
N ASN A 462 -2.33 3.23 19.39
CA ASN A 462 -3.23 2.17 18.92
C ASN A 462 -4.66 2.70 18.81
N PRO A 463 -5.28 2.64 17.62
CA PRO A 463 -6.65 3.16 17.48
C PRO A 463 -7.74 2.39 18.23
N ASN A 464 -7.52 1.10 18.50
CA ASN A 464 -8.43 0.30 19.31
C ASN A 464 -8.27 0.65 20.80
N THR A 465 -8.80 1.81 21.19
CA THR A 465 -8.52 2.41 22.50
C THR A 465 -9.23 1.72 23.67
N ASP A 466 -10.50 1.38 23.47
CA ASP A 466 -11.33 0.83 24.56
C ASP A 466 -10.94 -0.61 24.96
N SER A 467 -10.48 -1.41 24.01
CA SER A 467 -10.11 -2.82 24.26
C SER A 467 -8.64 -3.04 24.60
N ALA A 468 -7.75 -2.45 23.80
CA ALA A 468 -6.30 -2.69 23.91
C ALA A 468 -5.66 -2.03 25.12
N ALA A 469 -4.53 -2.60 25.55
CA ALA A 469 -3.81 -2.16 26.76
C ALA A 469 -3.26 -0.74 26.64
N ALA A 470 -2.80 -0.19 27.76
CA ALA A 470 -2.27 1.16 27.80
C ALA A 470 -1.42 1.42 29.04
N LEU A 471 -0.56 2.44 28.95
CA LEU A 471 0.29 2.89 30.05
C LEU A 471 0.09 4.38 30.28
N LEU A 472 -0.36 4.74 31.47
CA LEU A 472 -0.45 6.14 31.89
C LEU A 472 0.93 6.60 32.35
N ILE A 473 1.41 7.68 31.75
CA ILE A 473 2.70 8.31 32.09
C ILE A 473 2.51 9.81 32.19
N CYS A 474 3.54 10.50 32.65
CA CYS A 474 3.48 11.96 32.81
C CYS A 474 4.87 12.60 32.72
N LEU A 475 5.07 13.41 31.68
CA LEU A 475 6.29 14.18 31.51
C LEU A 475 6.23 15.41 32.43
N PRO A 476 7.22 15.58 33.33
CA PRO A 476 7.14 16.65 34.33
C PRO A 476 7.42 18.05 33.77
N GLU A 477 6.94 19.07 34.49
CA GLU A 477 7.21 20.48 34.14
C GLU A 477 8.64 20.87 34.51
N VAL A 478 9.26 21.70 33.68
CA VAL A 478 10.65 22.12 33.86
C VAL A 478 10.89 23.64 33.78
N ALA A 479 9.80 24.42 33.76
CA ALA A 479 9.88 25.88 33.62
C ALA A 479 8.53 26.54 33.89
N PRO A 480 8.50 27.87 34.14
CA PRO A 480 7.21 28.56 34.26
C PRO A 480 6.44 28.57 32.94
N HIS A 481 7.07 29.08 31.88
CA HIS A 481 6.53 29.05 30.52
C HIS A 481 7.06 27.82 29.80
N PRO A 482 6.39 27.39 28.70
CA PRO A 482 6.91 26.26 27.90
C PRO A 482 8.18 26.61 27.11
N VAL A 483 8.88 25.57 26.63
CA VAL A 483 10.16 25.73 25.92
C VAL A 483 10.20 24.92 24.62
N TYR A 484 10.69 25.54 23.54
CA TYR A 484 10.76 24.92 22.21
C TYR A 484 12.17 24.43 21.89
N TYR A 485 12.26 23.58 20.85
CA TYR A 485 13.55 23.19 20.29
C TYR A 485 14.03 24.36 19.40
N PRO A 486 15.29 24.80 19.55
CA PRO A 486 15.77 26.00 18.84
C PRO A 486 15.57 26.01 17.32
N ALA A 487 15.39 27.22 16.78
CA ALA A 487 15.18 27.42 15.34
C ALA A 487 16.46 27.22 14.53
N LEU A 488 16.32 27.21 13.21
CA LEU A 488 17.46 27.06 12.28
C LEU A 488 18.55 28.12 12.48
N GLU A 489 18.15 29.37 12.76
CA GLU A 489 19.09 30.47 13.01
C GLU A 489 19.98 30.21 14.23
N LYS A 490 19.36 29.82 15.34
CA LYS A 490 20.08 29.54 16.60
C LYS A 490 20.98 28.30 16.55
N ILE A 491 20.62 27.32 15.72
CA ILE A 491 21.43 26.11 15.52
C ILE A 491 22.69 26.42 14.71
N LEU A 492 22.54 27.23 13.66
CA LEU A 492 23.68 27.67 12.84
C LEU A 492 24.72 28.49 13.62
N GLU A 493 24.26 29.31 14.56
CA GLU A 493 25.16 30.09 15.43
C GLU A 493 26.04 29.19 16.30
N LEU A 494 25.40 28.23 16.97
CA LEU A 494 26.11 27.24 17.80
C LEU A 494 26.95 26.26 16.96
N GLY A 495 26.53 25.98 15.73
CA GLY A 495 27.21 25.03 14.86
C GLY A 495 28.57 25.41 14.31
N ARG A 496 28.85 26.71 14.24
CA ARG A 496 30.13 27.19 13.69
C ARG A 496 31.32 26.92 14.62
N HIS A 497 32.40 26.40 14.05
CA HIS A 497 33.69 26.20 14.74
C HIS A 497 33.57 25.30 15.98
N THR A 504 45.91 16.78 8.58
CA THR A 504 47.22 16.26 8.19
C THR A 504 47.10 15.16 7.13
N GLU A 505 48.23 14.83 6.51
CA GLU A 505 48.27 13.84 5.42
C GLU A 505 48.13 12.38 5.89
N GLU A 506 48.53 12.09 7.13
CA GLU A 506 48.43 10.74 7.71
C GLU A 506 46.99 10.32 7.94
N GLU A 507 46.25 11.16 8.65
CA GLU A 507 44.83 10.94 8.92
C GLU A 507 43.93 11.01 7.67
N GLN A 508 44.34 11.82 6.68
CA GLN A 508 43.65 11.88 5.37
C GLN A 508 43.77 10.57 4.57
N LEU A 509 44.92 9.90 4.68
CA LEU A 509 45.12 8.57 4.08
C LEU A 509 44.23 7.51 4.73
N GLN A 510 44.00 7.63 6.04
CA GLN A 510 43.09 6.74 6.78
C GLN A 510 41.62 6.93 6.40
N LEU A 511 41.22 8.17 6.13
CA LEU A 511 39.85 8.51 5.75
C LEU A 511 39.46 7.89 4.39
N ARG A 512 40.37 7.93 3.43
CA ARG A 512 40.21 7.25 2.14
C ARG A 512 39.87 5.77 2.34
N GLU A 513 40.71 5.09 3.12
CA GLU A 513 40.59 3.65 3.39
C GLU A 513 39.24 3.25 4.02
N ILE A 514 38.70 4.12 4.87
CA ILE A 514 37.41 3.86 5.54
C ILE A 514 36.24 4.06 4.56
N LEU A 515 36.22 5.23 3.89
CA LEU A 515 35.09 5.60 3.03
C LEU A 515 35.03 4.85 1.71
N GLU A 516 36.18 4.75 1.02
CA GLU A 516 36.25 4.09 -0.29
C GLU A 516 36.00 2.58 -0.21
N ARG A 517 36.56 1.94 0.82
CA ARG A 517 36.26 0.54 1.14
C ARG A 517 35.22 0.50 2.25
N LEU A 523 30.78 0.69 11.04
CA LEU A 523 32.07 1.27 11.42
C LEU A 523 32.40 1.03 12.90
N TYR A 524 33.69 0.89 13.19
CA TYR A 524 34.18 0.64 14.55
C TYR A 524 34.37 1.95 15.32
N GLU A 525 34.44 1.85 16.64
CA GLU A 525 34.48 3.02 17.54
C GLU A 525 35.62 4.01 17.24
N HIS A 526 36.81 3.48 16.96
CA HIS A 526 37.96 4.31 16.58
C HIS A 526 37.75 5.04 15.24
N GLU A 527 37.09 4.37 14.29
CA GLU A 527 36.77 4.94 12.98
C GLU A 527 35.69 6.03 13.06
N LYS A 528 34.78 5.92 14.02
CA LYS A 528 33.73 6.92 14.23
C LYS A 528 34.29 8.28 14.67
N ASP A 529 35.21 8.27 15.62
CA ASP A 529 35.86 9.50 16.12
C ASP A 529 36.78 10.14 15.08
N LEU A 530 37.39 9.33 14.22
CA LEU A 530 38.25 9.84 13.13
C LEU A 530 37.46 10.62 12.09
N VAL A 531 36.35 10.03 11.65
CA VAL A 531 35.47 10.65 10.64
C VAL A 531 34.82 11.92 11.19
N TRP A 532 34.40 11.89 12.45
CA TRP A 532 33.82 13.06 13.13
C TRP A 532 34.83 14.21 13.24
N LYS A 533 36.09 13.88 13.53
CA LYS A 533 37.18 14.86 13.55
C LYS A 533 37.37 15.51 12.17
N LEU A 534 37.40 14.68 11.12
CA LEU A 534 37.55 15.14 9.74
C LEU A 534 36.22 15.39 9.01
N ARG A 535 35.16 15.70 9.76
CA ARG A 535 33.83 15.96 9.19
C ARG A 535 33.80 17.09 8.14
N HIS A 536 34.66 18.10 8.32
CA HIS A 536 34.78 19.19 7.35
C HIS A 536 35.41 18.72 6.04
N GLU A 537 36.43 17.87 6.15
CA GLU A 537 37.08 17.25 4.98
C GLU A 537 36.18 16.24 4.25
N VAL A 538 35.29 15.58 4.99
CA VAL A 538 34.27 14.70 4.41
C VAL A 538 33.32 15.53 3.53
N GLN A 539 32.84 16.66 4.05
CA GLN A 539 31.98 17.57 3.27
C GLN A 539 32.65 18.07 2.00
N GLU A 540 33.95 18.39 2.08
CA GLU A 540 34.69 18.96 0.96
C GLU A 540 35.01 17.89 -0.10
N HIS A 541 35.68 16.82 0.33
CA HIS A 541 36.24 15.82 -0.59
C HIS A 541 35.42 14.54 -0.78
N PHE A 542 34.45 14.28 0.10
CA PHE A 542 33.67 13.04 0.07
C PHE A 542 32.16 13.32 0.26
N PRO A 543 31.54 14.05 -0.69
CA PRO A 543 30.13 14.42 -0.52
C PRO A 543 29.17 13.22 -0.46
N GLU A 544 29.43 12.19 -1.28
CA GLU A 544 28.59 10.99 -1.34
C GLU A 544 28.45 10.22 -0.01
N ALA A 545 29.44 10.32 0.87
CA ALA A 545 29.44 9.62 2.17
C ALA A 545 28.83 10.44 3.34
N LEU A 546 27.84 11.28 3.02
CA LEU A 546 27.08 12.01 4.05
C LEU A 546 26.37 11.05 5.00
N ALA A 547 25.78 9.99 4.45
CA ALA A 547 25.10 8.96 5.25
C ALA A 547 26.00 8.36 6.33
N ARG A 548 27.25 8.06 5.96
CA ARG A 548 28.25 7.55 6.92
C ARG A 548 28.52 8.54 8.04
N LEU A 549 28.65 9.82 7.69
CA LEU A 549 28.89 10.89 8.66
C LEU A 549 27.73 11.10 9.65
N LEU A 550 26.50 10.89 9.19
CA LEU A 550 25.32 11.05 10.05
C LEU A 550 25.21 9.97 11.12
N LEU A 551 25.60 8.74 10.78
CA LEU A 551 25.61 7.62 11.72
C LEU A 551 26.67 7.79 12.81
N VAL A 552 27.87 8.23 12.42
CA VAL A 552 28.96 8.42 13.39
C VAL A 552 28.75 9.62 14.34
N THR A 553 27.92 10.58 13.93
CA THR A 553 27.56 11.73 14.78
C THR A 553 26.85 11.27 16.04
N LYS A 554 27.22 11.88 17.18
CA LYS A 554 26.62 11.55 18.48
C LYS A 554 25.39 12.42 18.70
N TRP A 555 24.22 11.84 18.43
CA TRP A 555 22.95 12.55 18.52
C TRP A 555 22.48 12.82 19.96
N ASN A 556 23.05 12.09 20.93
CA ASN A 556 22.78 12.32 22.36
C ASN A 556 23.49 13.53 23.00
N LYS A 557 24.37 14.21 22.26
CA LYS A 557 24.97 15.48 22.69
C LYS A 557 24.51 16.59 21.75
N HIS A 558 23.92 17.66 22.29
CA HIS A 558 23.40 18.78 21.48
C HIS A 558 24.48 19.62 20.77
N GLU A 559 25.71 19.57 21.27
CA GLU A 559 26.85 20.24 20.64
C GLU A 559 27.19 19.57 19.30
N ASP A 560 27.30 18.25 19.33
CA ASP A 560 27.56 17.45 18.13
C ASP A 560 26.44 17.56 17.08
N VAL A 561 25.19 17.69 17.54
CA VAL A 561 24.04 17.83 16.64
C VAL A 561 24.12 19.14 15.86
N ALA A 562 24.32 20.25 16.56
CA ALA A 562 24.40 21.59 15.94
C ALA A 562 25.52 21.71 14.89
N GLN A 563 26.65 21.05 15.13
CA GLN A 563 27.77 21.05 14.21
C GLN A 563 27.48 20.26 12.94
N MET A 564 26.78 19.13 13.10
CA MET A 564 26.37 18.28 11.97
C MET A 564 25.31 18.97 11.10
N LEU A 565 24.33 19.59 11.74
CA LEU A 565 23.30 20.35 11.03
C LEU A 565 23.85 21.56 10.30
N TYR A 566 24.86 22.23 10.88
CA TYR A 566 25.56 23.34 10.23
C TYR A 566 26.15 22.93 8.89
N LEU A 567 26.82 21.78 8.87
CA LEU A 567 27.38 21.20 7.67
C LEU A 567 26.29 20.80 6.69
N LEU A 568 25.23 20.18 7.22
CA LEU A 568 24.11 19.67 6.42
C LEU A 568 23.38 20.76 5.62
N CYS A 569 23.11 21.89 6.27
CA CYS A 569 22.40 23.01 5.62
C CYS A 569 23.19 23.69 4.49
N SER A 570 24.51 23.50 4.46
CA SER A 570 25.35 23.93 3.35
C SER A 570 26.02 22.73 2.63
N TRP A 571 25.34 21.59 2.63
CA TRP A 571 25.87 20.36 2.00
C TRP A 571 25.49 20.37 0.52
N PRO A 572 26.43 20.00 -0.38
CA PRO A 572 26.11 20.01 -1.82
C PRO A 572 25.12 18.92 -2.24
N GLU A 573 24.35 19.20 -3.29
CA GLU A 573 23.25 18.34 -3.72
C GLU A 573 23.73 16.99 -4.23
N LEU A 574 23.25 15.91 -3.60
CA LEU A 574 23.63 14.54 -3.96
C LEU A 574 22.74 14.00 -5.09
N PRO A 575 23.17 12.90 -5.76
CA PRO A 575 22.29 12.27 -6.76
C PRO A 575 21.13 11.48 -6.14
N VAL A 576 20.20 11.08 -7.00
CA VAL A 576 19.02 10.30 -6.59
C VAL A 576 19.42 9.10 -5.73
N LEU A 577 20.30 8.27 -6.29
CA LEU A 577 20.78 7.02 -5.66
C LEU A 577 21.19 7.16 -4.20
N SER A 578 21.96 8.22 -3.89
CA SER A 578 22.37 8.50 -2.51
C SER A 578 21.21 9.03 -1.65
N ALA A 579 20.39 9.89 -2.24
CA ALA A 579 19.20 10.46 -1.56
C ALA A 579 18.21 9.38 -1.09
N LEU A 580 18.08 8.31 -1.86
CA LEU A 580 17.23 7.17 -1.50
C LEU A 580 17.68 6.49 -0.19
N GLU A 581 19.00 6.39 0.00
CA GLU A 581 19.57 5.85 1.24
C GLU A 581 19.18 6.67 2.47
N LEU A 582 19.13 8.00 2.30
CA LEU A 582 18.86 8.92 3.41
C LEU A 582 17.40 8.92 3.91
N LEU A 583 16.49 8.29 3.16
CA LEU A 583 15.10 8.11 3.56
C LEU A 583 14.88 6.97 4.58
N ASP A 584 15.92 6.19 4.88
CA ASP A 584 15.80 4.97 5.71
C ASP A 584 15.61 5.32 7.19
N PHE A 585 15.13 4.36 7.97
CA PHE A 585 14.84 4.54 9.41
C PHE A 585 16.03 4.95 10.30
N SER A 586 17.25 4.70 9.83
CA SER A 586 18.48 5.15 10.50
C SER A 586 18.67 6.68 10.53
N PHE A 587 18.01 7.41 9.62
CA PHE A 587 18.17 8.86 9.49
C PHE A 587 16.84 9.59 9.76
N PRO A 588 16.41 9.63 11.03
CA PRO A 588 15.09 10.20 11.35
C PRO A 588 15.02 11.73 11.30
N ASP A 589 16.16 12.41 11.41
CA ASP A 589 16.20 13.87 11.56
C ASP A 589 15.46 14.60 10.43
N CYS A 590 14.69 15.61 10.80
CA CYS A 590 13.84 16.35 9.85
C CYS A 590 14.63 17.12 8.79
N HIS A 591 15.79 17.66 9.17
CA HIS A 591 16.68 18.33 8.23
C HIS A 591 17.32 17.35 7.24
N VAL A 592 17.57 16.12 7.70
CA VAL A 592 18.13 15.06 6.85
C VAL A 592 17.10 14.63 5.81
N GLY A 593 15.87 14.44 6.25
CA GLY A 593 14.74 14.15 5.37
C GLY A 593 14.55 15.23 4.33
N SER A 594 14.50 16.48 4.79
CA SER A 594 14.34 17.64 3.91
C SER A 594 15.43 17.71 2.83
N PHE A 595 16.67 17.39 3.22
CA PHE A 595 17.79 17.26 2.27
C PHE A 595 17.58 16.13 1.27
N ALA A 596 17.09 14.98 1.75
CA ALA A 596 16.82 13.81 0.91
C ALA A 596 15.75 14.07 -0.16
N ILE A 597 14.67 14.75 0.24
CA ILE A 597 13.59 15.15 -0.68
C ILE A 597 14.09 16.19 -1.68
N LYS A 598 14.87 17.16 -1.20
CA LYS A 598 15.45 18.21 -2.06
C LYS A 598 16.23 17.65 -3.25
N SER A 599 16.97 16.55 -3.03
CA SER A 599 17.69 15.84 -4.08
C SER A 599 16.77 14.99 -4.98
N LEU A 600 15.67 14.47 -4.43
CA LEU A 600 14.68 13.72 -5.20
C LEU A 600 13.77 14.56 -6.11
N ARG A 601 13.79 15.88 -5.96
CA ARG A 601 13.04 16.76 -6.89
C ARG A 601 13.57 16.74 -8.34
N LYS A 602 14.78 16.23 -8.55
CA LYS A 602 15.32 15.98 -9.89
C LYS A 602 14.57 14.89 -10.66
N LEU A 603 13.88 14.00 -9.96
CA LEU A 603 13.23 12.82 -10.56
C LEU A 603 12.25 13.18 -11.68
N THR A 604 12.33 12.46 -12.80
CA THR A 604 11.27 12.48 -13.80
C THR A 604 10.13 11.61 -13.31
N ASP A 605 8.92 11.87 -13.81
CA ASP A 605 7.75 11.06 -13.48
C ASP A 605 7.94 9.58 -13.81
N ASP A 606 8.65 9.29 -14.91
CA ASP A 606 9.01 7.92 -15.29
C ASP A 606 9.83 7.23 -14.20
N GLU A 607 10.89 7.92 -13.77
CA GLU A 607 11.81 7.38 -12.76
C GLU A 607 11.19 7.38 -11.37
N LEU A 608 10.37 8.38 -11.05
CA LEU A 608 9.63 8.42 -9.78
C LEU A 608 8.70 7.23 -9.64
N PHE A 609 8.03 6.87 -10.73
CA PHE A 609 7.14 5.71 -10.77
C PHE A 609 7.84 4.41 -10.34
N GLN A 610 9.11 4.24 -10.74
CA GLN A 610 9.91 3.07 -10.34
C GLN A 610 10.13 2.95 -8.84
N TYR A 611 10.22 4.08 -8.14
CA TYR A 611 10.47 4.10 -6.69
C TYR A 611 9.23 4.47 -5.86
N LEU A 612 8.07 4.58 -6.50
CA LEU A 612 6.86 5.07 -5.80
C LEU A 612 6.43 4.15 -4.66
N LEU A 613 6.42 2.85 -4.91
CA LEU A 613 6.13 1.84 -3.87
C LEU A 613 7.05 1.97 -2.65
N GLN A 614 8.34 2.16 -2.90
CA GLN A 614 9.31 2.30 -1.82
C GLN A 614 9.04 3.57 -1.01
N LEU A 615 8.81 4.68 -1.71
CA LEU A 615 8.52 5.97 -1.08
C LEU A 615 7.25 5.99 -0.24
N VAL A 616 6.24 5.24 -0.67
CA VAL A 616 5.01 5.08 0.11
C VAL A 616 5.30 4.38 1.43
N GLN A 617 6.04 3.28 1.37
CA GLN A 617 6.36 2.47 2.55
C GLN A 617 7.18 3.21 3.60
N VAL A 618 8.10 4.07 3.14
CA VAL A 618 8.91 4.93 4.03
C VAL A 618 8.08 5.85 4.95
N LEU A 619 6.89 6.26 4.51
CA LEU A 619 5.98 7.08 5.35
C LEU A 619 5.68 6.47 6.73
N LYS A 620 5.77 5.14 6.85
CA LYS A 620 5.68 4.47 8.15
C LYS A 620 6.77 4.90 9.15
N TYR A 621 7.95 5.20 8.65
CA TYR A 621 9.04 5.71 9.48
C TYR A 621 8.90 7.18 9.89
N GLU A 622 8.07 7.95 9.20
CA GLU A 622 7.84 9.37 9.54
C GLU A 622 7.16 9.47 10.90
N SER A 623 7.56 10.46 11.69
CA SER A 623 7.08 10.64 13.07
C SER A 623 5.82 11.50 13.11
N TYR A 624 5.91 12.68 12.49
CA TYR A 624 4.79 13.62 12.41
C TYR A 624 4.05 13.43 11.09
N LEU A 625 2.83 13.95 11.02
CA LEU A 625 1.96 13.81 9.85
C LEU A 625 2.37 14.75 8.73
N ASP A 626 2.57 16.03 9.07
CA ASP A 626 3.01 17.04 8.12
C ASP A 626 4.52 16.88 7.94
N CYS A 627 4.92 16.38 6.77
CA CYS A 627 6.33 16.13 6.45
C CYS A 627 6.63 16.41 4.99
N GLU A 628 7.93 16.48 4.67
CA GLU A 628 8.39 16.80 3.31
C GLU A 628 8.08 15.71 2.28
N LEU A 629 8.24 14.45 2.69
CA LEU A 629 7.93 13.30 1.84
C LEU A 629 6.45 13.23 1.47
N THR A 630 5.58 13.50 2.44
CA THR A 630 4.14 13.57 2.20
C THR A 630 3.80 14.70 1.22
N LYS A 631 4.41 15.86 1.41
CA LYS A 631 4.19 17.00 0.51
C LYS A 631 4.73 16.69 -0.88
N PHE A 632 5.95 16.16 -0.95
CA PHE A 632 6.58 15.75 -2.21
C PHE A 632 5.70 14.78 -3.00
N LEU A 633 5.21 13.74 -2.31
CA LEU A 633 4.33 12.76 -2.94
C LEU A 633 3.01 13.38 -3.42
N LEU A 634 2.43 14.27 -2.62
CA LEU A 634 1.23 15.01 -3.02
C LEU A 634 1.48 15.97 -4.19
N ASP A 635 2.61 16.69 -4.16
CA ASP A 635 3.00 17.58 -5.26
C ASP A 635 3.00 16.88 -6.62
N ARG A 636 3.61 15.70 -6.67
CA ARG A 636 3.74 14.92 -7.90
C ARG A 636 2.43 14.29 -8.36
N ALA A 637 1.60 13.89 -7.39
CA ALA A 637 0.27 13.34 -7.68
C ALA A 637 -0.66 14.37 -8.33
N LEU A 638 -0.57 15.61 -7.87
CA LEU A 638 -1.33 16.73 -8.45
C LEU A 638 -0.74 17.15 -9.81
N ALA A 639 0.57 17.02 -9.94
CA ALA A 639 1.27 17.29 -11.20
C ALA A 639 0.97 16.25 -12.28
N ASN A 640 0.86 14.99 -11.87
CA ASN A 640 0.70 13.85 -12.79
C ASN A 640 -0.41 12.92 -12.30
N ARG A 641 -1.41 12.70 -13.15
CA ARG A 641 -2.59 11.90 -12.82
C ARG A 641 -2.27 10.41 -12.60
N LYS A 642 -1.35 9.87 -13.39
CA LYS A 642 -0.92 8.47 -13.27
C LYS A 642 -0.24 8.21 -11.92
N ILE A 643 0.69 9.09 -11.56
CA ILE A 643 1.37 8.99 -10.25
C ILE A 643 0.34 9.07 -9.12
N GLY A 644 -0.58 10.03 -9.24
CA GLY A 644 -1.70 10.15 -8.29
C GLY A 644 -2.56 8.90 -8.19
N HIS A 645 -2.86 8.30 -9.34
CA HIS A 645 -3.65 7.05 -9.39
C HIS A 645 -2.99 5.94 -8.58
N PHE A 646 -1.70 5.73 -8.83
CA PHE A 646 -0.97 4.66 -8.14
C PHE A 646 -0.62 5.03 -6.70
N LEU A 647 -0.50 6.33 -6.42
CA LEU A 647 -0.40 6.78 -5.03
C LEU A 647 -1.66 6.44 -4.23
N PHE A 648 -2.82 6.59 -4.86
CA PHE A 648 -4.10 6.27 -4.22
C PHE A 648 -4.15 4.81 -3.80
N TRP A 649 -3.96 3.91 -4.75
CA TRP A 649 -4.09 2.46 -4.49
C TRP A 649 -3.03 1.87 -3.56
N HIS A 650 -1.81 2.41 -3.57
CA HIS A 650 -0.80 2.00 -2.57
C HIS A 650 -1.24 2.37 -1.16
N LEU A 651 -1.79 3.57 -0.99
CA LEU A 651 -2.28 4.04 0.30
C LEU A 651 -3.60 3.37 0.70
N ARG A 652 -4.55 3.32 -0.24
CA ARG A 652 -5.86 2.70 -0.02
C ARG A 652 -5.77 1.23 0.38
N SER A 653 -4.87 0.49 -0.26
CA SER A 653 -4.69 -0.92 0.02
C SER A 653 -4.15 -1.27 1.42
N GLU A 654 -3.64 -0.27 2.15
CA GLU A 654 -3.24 -0.45 3.55
C GLU A 654 -4.11 0.32 4.56
N MET A 655 -5.33 0.68 4.17
CA MET A 655 -6.27 1.32 5.10
C MET A 655 -6.84 0.36 6.15
N HIS A 656 -6.81 -0.94 5.86
CA HIS A 656 -7.13 -1.96 6.86
C HIS A 656 -6.11 -2.04 8.01
N VAL A 657 -4.88 -1.63 7.76
CA VAL A 657 -3.78 -1.71 8.73
C VAL A 657 -3.94 -0.58 9.75
N PRO A 658 -4.13 -0.92 11.05
CA PRO A 658 -4.35 0.14 12.04
C PRO A 658 -3.21 1.14 12.20
N SER A 659 -1.97 0.69 12.06
CA SER A 659 -0.79 1.54 12.26
C SER A 659 -0.65 2.70 11.25
N VAL A 660 -1.20 2.53 10.03
CA VAL A 660 -1.13 3.59 9.00
C VAL A 660 -2.48 4.18 8.54
N ALA A 661 -3.60 3.68 9.06
CA ALA A 661 -4.94 4.11 8.62
C ALA A 661 -5.17 5.61 8.75
N LEU A 662 -4.73 6.19 9.87
CA LEU A 662 -4.82 7.63 10.11
C LEU A 662 -3.95 8.40 9.15
N ARG A 663 -2.66 8.09 9.14
CA ARG A 663 -1.66 8.76 8.28
C ARG A 663 -2.05 8.71 6.81
N PHE A 664 -2.39 7.51 6.35
CA PHE A 664 -2.75 7.28 4.94
C PHE A 664 -4.12 7.88 4.61
N GLY A 665 -5.06 7.74 5.53
CA GLY A 665 -6.41 8.29 5.34
C GLY A 665 -6.43 9.79 5.08
N LEU A 666 -5.61 10.53 5.84
CA LEU A 666 -5.49 11.97 5.69
C LEU A 666 -4.84 12.41 4.38
N ILE A 667 -3.88 11.62 3.88
CA ILE A 667 -3.23 11.88 2.58
C ILE A 667 -4.21 11.65 1.44
N LEU A 668 -4.95 10.54 1.52
CA LEU A 668 -5.98 10.22 0.54
C LEU A 668 -7.08 11.29 0.47
N GLU A 669 -7.40 11.92 1.61
CA GLU A 669 -8.35 13.04 1.64
C GLU A 669 -7.81 14.21 0.81
N ALA A 670 -6.58 14.60 1.11
CA ALA A 670 -5.93 15.73 0.43
C ALA A 670 -5.79 15.47 -1.07
N TYR A 671 -5.32 14.28 -1.42
CA TYR A 671 -5.21 13.87 -2.82
C TYR A 671 -6.55 14.04 -3.55
N CYS A 672 -7.60 13.46 -2.95
CA CYS A 672 -8.95 13.46 -3.52
C CYS A 672 -9.48 14.86 -3.82
N ARG A 673 -9.28 15.78 -2.88
CA ARG A 673 -9.70 17.18 -3.05
C ARG A 673 -9.00 17.89 -4.20
N GLY A 674 -7.71 17.59 -4.38
CA GLY A 674 -6.93 18.14 -5.49
C GLY A 674 -7.06 17.43 -6.84
N SER A 675 -7.84 16.35 -6.88
CA SER A 675 -8.08 15.59 -8.11
C SER A 675 -9.51 15.03 -8.09
N THR A 676 -10.46 15.94 -8.21
CA THR A 676 -11.89 15.62 -8.27
C THR A 676 -12.28 14.87 -9.54
N HIS A 677 -11.60 15.13 -10.65
CA HIS A 677 -11.89 14.45 -11.92
C HIS A 677 -11.59 12.96 -11.80
N HIS A 678 -10.42 12.66 -11.27
CA HIS A 678 -9.97 11.28 -11.08
C HIS A 678 -10.71 10.54 -9.95
N MET A 679 -11.27 11.29 -8.99
CA MET A 679 -12.18 10.70 -7.97
C MET A 679 -13.31 9.89 -8.60
N LYS A 680 -13.92 10.46 -9.65
CA LYS A 680 -15.00 9.79 -10.38
C LYS A 680 -14.57 8.45 -10.96
N VAL A 681 -13.32 8.40 -11.45
CA VAL A 681 -12.74 7.17 -11.99
C VAL A 681 -12.51 6.13 -10.89
N LEU A 682 -11.92 6.58 -9.78
CA LEU A 682 -11.64 5.71 -8.64
C LEU A 682 -12.90 5.17 -7.96
N MET A 683 -13.99 5.95 -8.03
CA MET A 683 -15.31 5.52 -7.52
C MET A 683 -15.87 4.34 -8.31
N LYS A 684 -15.76 4.39 -9.65
CA LYS A 684 -16.13 3.24 -10.51
C LYS A 684 -15.30 2.01 -10.19
N GLN A 685 -13.99 2.22 -10.04
CA GLN A 685 -13.05 1.15 -9.72
C GLN A 685 -13.33 0.52 -8.37
N GLY A 686 -13.63 1.36 -7.37
CA GLY A 686 -13.97 0.90 -6.03
C GLY A 686 -15.20 0.01 -6.00
N GLU A 687 -16.25 0.45 -6.68
CA GLU A 687 -17.52 -0.29 -6.74
C GLU A 687 -17.44 -1.55 -7.62
N ALA A 688 -16.59 -1.53 -8.65
CA ALA A 688 -16.28 -2.73 -9.42
C ALA A 688 -15.58 -3.76 -8.52
N LEU A 689 -14.58 -3.31 -7.77
CA LEU A 689 -13.86 -4.15 -6.80
C LEU A 689 -14.73 -4.61 -5.63
N SER A 690 -15.71 -3.79 -5.26
CA SER A 690 -16.67 -4.14 -4.22
C SER A 690 -17.56 -5.32 -4.61
N LYS A 691 -17.95 -5.36 -5.89
CA LYS A 691 -18.77 -6.45 -6.44
C LYS A 691 -17.97 -7.73 -6.63
N LEU A 692 -16.72 -7.62 -7.10
CA LEU A 692 -15.85 -8.79 -7.29
C LEU A 692 -15.56 -9.54 -5.99
N LYS A 693 -15.46 -8.81 -4.87
CA LYS A 693 -15.37 -9.41 -3.54
C LYS A 693 -16.59 -10.28 -3.27
N ALA A 694 -17.76 -9.68 -3.42
CA ALA A 694 -19.04 -10.37 -3.25
C ALA A 694 -19.24 -11.52 -4.26
N LEU A 695 -18.73 -11.32 -5.48
CA LEU A 695 -18.78 -12.35 -6.52
C LEU A 695 -17.84 -13.51 -6.19
N ASN A 696 -16.65 -13.20 -5.68
CA ASN A 696 -15.69 -14.23 -5.25
C ASN A 696 -16.17 -14.99 -4.02
N ASP A 697 -16.79 -14.29 -3.07
CA ASP A 697 -17.38 -14.92 -1.88
C ASP A 697 -18.53 -15.89 -2.22
N PHE A 698 -19.32 -15.54 -3.22
CA PHE A 698 -20.38 -16.42 -3.75
C PHE A 698 -19.76 -17.68 -4.38
N VAL A 699 -18.73 -17.49 -5.20
CA VAL A 699 -17.99 -18.59 -5.84
C VAL A 699 -17.25 -19.47 -4.82
N LYS A 700 -16.70 -18.85 -3.77
CA LYS A 700 -16.05 -19.60 -2.68
C LYS A 700 -17.00 -20.54 -1.94
N LEU A 701 -18.19 -20.03 -1.62
CA LEU A 701 -19.23 -20.81 -0.93
C LEU A 701 -19.83 -21.90 -1.84
N SER A 702 -20.04 -21.56 -3.11
CA SER A 702 -20.59 -22.50 -4.10
C SER A 702 -19.61 -23.62 -4.51
N SER A 703 -18.31 -23.33 -4.49
CA SER A 703 -17.28 -24.33 -4.82
C SER A 703 -17.20 -25.49 -3.83
N GLN A 704 -17.45 -25.20 -2.55
CA GLN A 704 -17.49 -26.23 -1.51
C GLN A 704 -18.68 -27.19 -1.71
N LYS A 705 -19.85 -26.62 -1.99
CA LYS A 705 -21.09 -27.40 -2.17
C LYS A 705 -21.16 -28.06 -3.55
N THR A 706 -21.29 -27.24 -4.60
CA THR A 706 -21.55 -27.71 -5.97
C THR A 706 -20.25 -27.91 -6.77
N PRO A 707 -20.31 -28.66 -7.89
CA PRO A 707 -19.13 -28.81 -8.77
C PRO A 707 -18.87 -27.59 -9.66
N LYS A 708 -17.73 -27.61 -10.35
CA LYS A 708 -17.21 -26.46 -11.10
C LYS A 708 -18.08 -25.98 -12.29
N PRO A 709 -18.58 -26.90 -13.15
CA PRO A 709 -19.42 -26.49 -14.28
C PRO A 709 -20.72 -25.76 -13.89
N GLN A 710 -21.38 -26.25 -12.84
CA GLN A 710 -22.59 -25.61 -12.30
C GLN A 710 -22.26 -24.26 -11.66
N THR A 711 -21.19 -24.23 -10.86
CA THR A 711 -20.73 -23.00 -10.20
C THR A 711 -20.34 -21.90 -11.20
N LYS A 712 -19.71 -22.30 -12.31
CA LYS A 712 -19.35 -21.36 -13.40
C LYS A 712 -20.57 -20.67 -14.00
N GLU A 713 -21.67 -21.42 -14.17
CA GLU A 713 -22.95 -20.86 -14.64
C GLU A 713 -23.63 -20.02 -13.57
N LEU A 714 -23.59 -20.49 -12.33
CA LEU A 714 -24.11 -19.74 -11.16
C LEU A 714 -23.36 -18.41 -10.91
N MET A 715 -22.10 -18.36 -11.32
CA MET A 715 -21.29 -17.14 -11.29
C MET A 715 -21.85 -16.09 -12.26
N HIS A 716 -22.15 -16.53 -13.50
CA HIS A 716 -22.63 -15.62 -14.55
C HIS A 716 -24.01 -15.00 -14.26
N LEU A 717 -24.88 -15.72 -13.56
CA LEU A 717 -26.19 -15.20 -13.16
C LEU A 717 -26.06 -14.01 -12.20
N CYS A 718 -25.17 -14.15 -11.22
CA CYS A 718 -24.84 -13.07 -10.28
C CYS A 718 -24.23 -11.86 -11.00
N MET A 719 -23.36 -12.13 -11.97
CA MET A 719 -22.76 -11.08 -12.81
C MET A 719 -23.77 -10.34 -13.68
N ARG A 720 -24.69 -11.10 -14.30
CA ARG A 720 -25.65 -10.54 -15.28
C ARG A 720 -26.75 -9.63 -14.70
N GLN A 721 -26.91 -9.63 -13.36
CA GLN A 721 -27.82 -8.68 -12.70
C GLN A 721 -27.43 -7.23 -12.98
N GLU A 722 -28.43 -6.34 -12.99
CA GLU A 722 -28.25 -4.94 -13.40
C GLU A 722 -27.23 -4.17 -12.54
N ALA A 723 -27.27 -4.39 -11.23
CA ALA A 723 -26.32 -3.77 -10.29
C ALA A 723 -24.90 -4.28 -10.48
N TYR A 724 -24.77 -5.59 -10.68
CA TYR A 724 -23.45 -6.23 -10.87
C TYR A 724 -22.84 -5.96 -12.23
N LEU A 725 -23.66 -6.08 -13.28
CA LEU A 725 -23.19 -5.90 -14.66
C LEU A 725 -22.73 -4.47 -14.94
N GLU A 726 -23.52 -3.48 -14.52
CA GLU A 726 -23.19 -2.06 -14.74
C GLU A 726 -21.94 -1.61 -13.97
N ALA A 727 -21.78 -2.12 -12.74
CA ALA A 727 -20.62 -1.80 -11.90
C ALA A 727 -19.31 -2.39 -12.45
N LEU A 728 -19.37 -3.63 -12.93
CA LEU A 728 -18.21 -4.29 -13.53
C LEU A 728 -17.91 -3.79 -14.94
N SER A 729 -18.94 -3.37 -15.68
CA SER A 729 -18.75 -2.86 -17.05
C SER A 729 -18.34 -1.40 -17.04
N HIS A 730 -17.62 -0.99 -18.08
CA HIS A 730 -17.31 0.42 -18.38
C HIS A 730 -16.58 1.16 -17.26
N LEU A 731 -15.27 0.95 -17.23
CA LEU A 731 -14.37 1.65 -16.30
C LEU A 731 -12.93 1.61 -16.79
N GLN A 732 -12.12 2.52 -16.29
CA GLN A 732 -10.68 2.49 -16.51
C GLN A 732 -10.07 1.43 -15.59
N SER A 733 -9.06 0.72 -16.09
CA SER A 733 -8.41 -0.36 -15.34
C SER A 733 -7.59 0.18 -14.17
N PRO A 734 -7.71 -0.42 -12.97
CA PRO A 734 -6.77 -0.07 -11.89
C PRO A 734 -5.32 -0.37 -12.23
N LEU A 735 -5.07 -1.46 -12.95
CA LEU A 735 -3.71 -1.85 -13.33
C LEU A 735 -3.02 -0.87 -14.30
N ASP A 736 -3.83 -0.18 -15.10
CA ASP A 736 -3.34 0.82 -16.05
C ASP A 736 -4.52 1.72 -16.50
N PRO A 737 -4.69 2.90 -15.87
CA PRO A 737 -5.89 3.70 -16.14
C PRO A 737 -6.03 4.29 -17.55
N SER A 738 -4.98 4.24 -18.38
CA SER A 738 -5.12 4.52 -19.82
C SER A 738 -5.89 3.41 -20.56
N THR A 739 -5.77 2.16 -20.09
CA THR A 739 -6.54 1.03 -20.64
C THR A 739 -8.02 1.12 -20.25
N LEU A 740 -8.90 0.81 -21.19
CA LEU A 740 -10.35 0.90 -21.01
C LEU A 740 -11.00 -0.48 -20.96
N LEU A 741 -11.53 -0.83 -19.79
CA LEU A 741 -12.35 -2.02 -19.60
C LEU A 741 -13.80 -1.65 -19.90
N ALA A 742 -14.27 -2.00 -21.10
CA ALA A 742 -15.58 -1.56 -21.59
C ALA A 742 -16.68 -2.60 -21.34
N GLU A 743 -16.70 -3.65 -22.17
CA GLU A 743 -17.79 -4.64 -22.17
C GLU A 743 -17.31 -5.92 -21.50
N VAL A 744 -18.02 -6.36 -20.46
CA VAL A 744 -17.71 -7.62 -19.79
C VAL A 744 -18.18 -8.77 -20.68
N CYS A 745 -17.23 -9.56 -21.18
CA CYS A 745 -17.54 -10.80 -21.89
C CYS A 745 -17.78 -11.89 -20.84
N VAL A 746 -19.05 -12.05 -20.45
CA VAL A 746 -19.44 -12.89 -19.30
C VAL A 746 -19.14 -14.38 -19.53
N GLU A 747 -19.41 -14.87 -20.74
CA GLU A 747 -19.18 -16.28 -21.07
C GLU A 747 -17.71 -16.70 -20.98
N GLN A 748 -16.80 -15.78 -21.30
CA GLN A 748 -15.35 -16.04 -21.22
C GLN A 748 -14.80 -16.05 -19.79
N CYS A 749 -15.53 -15.44 -18.84
CA CYS A 749 -15.14 -15.43 -17.43
C CYS A 749 -15.18 -16.82 -16.79
N THR A 750 -14.38 -17.01 -15.74
CA THR A 750 -14.21 -18.31 -15.08
C THR A 750 -13.48 -18.18 -13.73
N PHE A 751 -13.11 -19.31 -13.12
CA PHE A 751 -12.30 -19.32 -11.88
C PHE A 751 -11.47 -20.61 -11.75
N MET A 752 -10.27 -20.48 -11.18
CA MET A 752 -9.39 -21.63 -10.94
C MET A 752 -9.70 -22.29 -9.59
N ASP A 753 -9.47 -23.60 -9.52
CA ASP A 753 -9.67 -24.37 -8.29
C ASP A 753 -8.38 -24.36 -7.45
N SER A 754 -8.09 -23.20 -6.86
CA SER A 754 -6.91 -22.99 -6.02
C SER A 754 -7.33 -22.85 -4.56
N LYS A 755 -6.36 -22.51 -3.70
CA LYS A 755 -6.63 -22.26 -2.29
C LYS A 755 -7.60 -21.08 -2.07
N MET A 756 -7.41 -20.01 -2.84
CA MET A 756 -8.21 -18.77 -2.70
C MET A 756 -9.16 -18.46 -3.86
N LYS A 757 -9.24 -19.33 -4.87
CA LYS A 757 -10.29 -19.31 -5.90
C LYS A 757 -10.31 -18.02 -6.75
N PRO A 758 -9.23 -17.77 -7.52
CA PRO A 758 -9.06 -16.49 -8.21
C PRO A 758 -9.99 -16.31 -9.41
N LEU A 759 -10.77 -15.22 -9.41
CA LEU A 759 -11.70 -14.92 -10.50
C LEU A 759 -10.96 -14.44 -11.75
N TRP A 760 -11.46 -14.83 -12.92
CA TRP A 760 -10.86 -14.52 -14.22
C TRP A 760 -11.88 -13.72 -15.03
N ILE A 761 -11.74 -12.39 -15.04
CA ILE A 761 -12.69 -11.50 -15.71
C ILE A 761 -12.09 -11.05 -17.02
N MET A 762 -12.86 -11.17 -18.10
CA MET A 762 -12.42 -10.80 -19.45
C MET A 762 -13.28 -9.67 -20.00
N TYR A 763 -12.63 -8.78 -20.76
CA TYR A 763 -13.27 -7.60 -21.35
C TYR A 763 -13.02 -7.53 -22.86
N SER A 764 -13.69 -6.58 -23.51
CA SER A 764 -13.50 -6.30 -24.93
C SER A 764 -13.86 -4.85 -25.23
N ASN A 765 -13.03 -4.20 -26.05
CA ASN A 765 -13.20 -2.77 -26.41
C ASN A 765 -12.79 -2.47 -27.84
N GLU A 766 -13.18 -1.29 -28.32
CA GLU A 766 -12.94 -0.88 -29.71
C GLU A 766 -11.45 -0.61 -29.97
N GLU A 767 -10.70 -1.69 -30.20
CA GLU A 767 -9.26 -1.63 -30.45
C GLU A 767 -8.82 -2.83 -31.28
N GLY A 772 -7.72 -5.12 -28.73
CA GLY A 772 -8.94 -5.89 -28.94
C GLY A 772 -9.55 -6.40 -27.65
N SER A 773 -8.91 -7.42 -27.08
CA SER A 773 -9.35 -8.06 -25.83
C SER A 773 -8.40 -7.72 -24.67
N VAL A 774 -8.96 -7.57 -23.47
CA VAL A 774 -8.21 -7.26 -22.24
C VAL A 774 -8.82 -8.06 -21.10
N GLY A 775 -7.98 -8.59 -20.21
CA GLY A 775 -8.44 -9.42 -19.09
C GLY A 775 -7.76 -9.07 -17.78
N ILE A 776 -8.41 -9.45 -16.68
CA ILE A 776 -7.86 -9.27 -15.33
C ILE A 776 -8.14 -10.50 -14.47
N ILE A 777 -7.35 -10.63 -13.40
CA ILE A 777 -7.58 -11.67 -12.39
C ILE A 777 -7.80 -10.93 -11.08
N PHE A 778 -8.99 -11.12 -10.48
CA PHE A 778 -9.29 -10.61 -9.15
C PHE A 778 -8.97 -11.68 -8.13
N LYS A 779 -7.89 -11.47 -7.37
CA LYS A 779 -7.45 -12.40 -6.34
C LYS A 779 -7.81 -11.83 -4.98
N ASN A 780 -8.57 -12.60 -4.20
CA ASN A 780 -8.89 -12.25 -2.81
C ASN A 780 -8.57 -13.43 -1.91
N GLY A 781 -7.68 -13.22 -0.93
CA GLY A 781 -7.26 -14.26 0.01
C GLY A 781 -5.81 -14.12 0.42
N ASP A 782 -4.93 -14.03 -0.58
CA ASP A 782 -3.49 -13.79 -0.37
C ASP A 782 -3.16 -12.30 -0.42
N ASP A 783 -1.95 -11.98 0.05
CA ASP A 783 -1.39 -10.64 -0.01
C ASP A 783 -0.51 -10.55 -1.26
N LEU A 784 -0.75 -9.54 -2.10
CA LEU A 784 -0.07 -9.40 -3.40
C LEU A 784 1.13 -8.44 -3.42
N ARG A 785 1.45 -7.83 -2.28
CA ARG A 785 2.56 -6.88 -2.19
C ARG A 785 3.90 -7.53 -2.56
N GLN A 786 4.12 -8.74 -2.05
CA GLN A 786 5.28 -9.58 -2.42
C GLN A 786 5.41 -9.74 -3.93
N ASP A 787 4.33 -10.17 -4.58
CA ASP A 787 4.28 -10.38 -6.02
C ASP A 787 4.49 -9.06 -6.80
N MET A 788 3.96 -7.95 -6.27
CA MET A 788 4.14 -6.63 -6.88
C MET A 788 5.60 -6.18 -6.85
N LEU A 789 6.19 -6.25 -5.67
CA LEU A 789 7.58 -5.84 -5.47
C LEU A 789 8.53 -6.56 -6.41
N THR A 790 8.32 -7.87 -6.58
CA THR A 790 9.15 -8.69 -7.45
C THR A 790 8.95 -8.27 -8.91
N LEU A 791 7.69 -8.15 -9.33
CA LEU A 791 7.35 -7.71 -10.69
C LEU A 791 7.87 -6.31 -11.02
N GLN A 792 7.85 -5.41 -10.03
N GLN A 792 7.86 -5.40 -10.05
CA GLN A 792 8.43 -4.07 -10.14
CA GLN A 792 8.44 -4.07 -10.23
C GLN A 792 9.95 -4.14 -10.39
C GLN A 792 9.96 -4.12 -10.39
N MET A 793 10.63 -4.98 -9.62
CA MET A 793 12.09 -5.16 -9.74
C MET A 793 12.51 -5.85 -11.04
N ILE A 794 11.69 -6.78 -11.52
CA ILE A 794 11.89 -7.36 -12.86
C ILE A 794 11.68 -6.27 -13.92
N GLN A 795 10.64 -5.45 -13.75
CA GLN A 795 10.38 -4.32 -14.65
C GLN A 795 11.52 -3.29 -14.60
N LEU A 796 12.11 -3.10 -13.43
CA LEU A 796 13.27 -2.23 -13.28
C LEU A 796 14.48 -2.76 -14.05
N MET A 797 14.73 -4.07 -13.93
CA MET A 797 15.81 -4.73 -14.70
C MET A 797 15.61 -4.53 -16.19
N ASP A 798 14.36 -4.72 -16.66
CA ASP A 798 14.00 -4.54 -18.07
C ASP A 798 14.31 -3.12 -18.58
N VAL A 799 13.98 -2.13 -17.78
CA VAL A 799 14.30 -0.72 -18.09
C VAL A 799 15.83 -0.52 -18.11
N LEU A 800 16.49 -0.97 -17.05
CA LEU A 800 17.96 -0.88 -16.92
C LEU A 800 18.72 -1.57 -18.05
N TRP A 801 18.21 -2.72 -18.51
CA TRP A 801 18.76 -3.41 -19.67
C TRP A 801 18.47 -2.63 -20.96
N LYS A 802 17.24 -2.16 -21.12
CA LYS A 802 16.83 -1.40 -22.31
C LYS A 802 17.59 -0.07 -22.49
N GLN A 803 17.97 0.56 -21.38
CA GLN A 803 18.83 1.76 -21.41
C GLN A 803 20.24 1.50 -21.96
N GLU A 804 20.76 0.28 -21.72
CA GLU A 804 22.08 -0.13 -22.22
C GLU A 804 22.05 -0.84 -23.59
N GLY A 805 20.97 -0.66 -24.37
CA GLY A 805 20.87 -1.19 -25.73
C GLY A 805 20.71 -2.70 -25.78
N LEU A 806 19.84 -3.22 -24.92
CA LEU A 806 19.65 -4.66 -24.75
C LEU A 806 18.19 -4.93 -24.38
N ASP A 807 17.42 -5.31 -25.39
CA ASP A 807 16.00 -5.64 -25.22
C ASP A 807 15.87 -7.16 -25.08
N LEU A 808 15.72 -7.62 -23.83
CA LEU A 808 15.56 -9.05 -23.53
C LEU A 808 14.09 -9.54 -23.50
N ARG A 809 13.18 -8.79 -24.14
CA ARG A 809 11.82 -9.27 -24.42
C ARG A 809 11.10 -9.83 -23.19
N MET A 810 11.14 -9.06 -22.11
CA MET A 810 10.53 -9.45 -20.84
C MET A 810 9.03 -9.17 -20.84
N THR A 811 8.35 -9.67 -19.82
CA THR A 811 6.90 -9.45 -19.63
C THR A 811 6.63 -9.02 -18.19
N PRO A 812 6.90 -7.73 -17.87
CA PRO A 812 6.57 -7.17 -16.56
C PRO A 812 5.10 -6.72 -16.51
N TYR A 813 4.22 -7.70 -16.38
CA TYR A 813 2.78 -7.47 -16.34
C TYR A 813 2.37 -6.79 -15.03
N GLY A 814 1.20 -6.16 -15.04
CA GLY A 814 0.72 -5.38 -13.91
C GLY A 814 0.23 -6.22 -12.74
N CYS A 815 0.47 -5.71 -11.51
CA CYS A 815 -0.02 -6.32 -10.27
C CYS A 815 -0.30 -5.19 -9.27
N LEU A 816 -1.53 -5.12 -8.77
CA LEU A 816 -1.98 -4.02 -7.92
C LEU A 816 -2.77 -4.51 -6.70
N PRO A 817 -2.20 -4.37 -5.49
CA PRO A 817 -3.00 -4.54 -4.27
C PRO A 817 -4.02 -3.42 -4.11
N THR A 818 -5.29 -3.79 -3.92
CA THR A 818 -6.40 -2.85 -3.79
C THR A 818 -6.97 -2.73 -2.37
N GLY A 819 -6.69 -3.71 -1.50
CA GLY A 819 -7.33 -3.75 -0.18
C GLY A 819 -6.84 -4.86 0.71
N ASP A 820 -7.66 -5.23 1.68
CA ASP A 820 -7.32 -6.24 2.69
C ASP A 820 -7.21 -7.64 2.05
N ARG A 821 -5.97 -8.05 1.78
CA ARG A 821 -5.65 -9.31 1.10
C ARG A 821 -6.42 -9.45 -0.22
N THR A 822 -6.44 -8.36 -0.99
CA THR A 822 -7.22 -8.25 -2.22
C THR A 822 -6.44 -7.47 -3.28
N GLY A 823 -6.56 -7.88 -4.54
CA GLY A 823 -5.96 -7.12 -5.64
C GLY A 823 -6.22 -7.67 -7.03
N LEU A 824 -5.98 -6.83 -8.03
CA LEU A 824 -6.05 -7.20 -9.44
C LEU A 824 -4.68 -7.59 -9.96
N ILE A 825 -4.68 -8.39 -11.02
CA ILE A 825 -3.45 -8.81 -11.72
C ILE A 825 -3.76 -8.87 -13.21
N GLU A 826 -2.82 -8.39 -14.03
CA GLU A 826 -3.01 -8.31 -15.47
C GLU A 826 -2.91 -9.69 -16.11
N VAL A 827 -3.85 -9.98 -17.01
CA VAL A 827 -3.84 -11.22 -17.77
C VAL A 827 -2.89 -11.04 -18.94
N VAL A 828 -1.87 -11.88 -19.00
CA VAL A 828 -0.98 -11.95 -20.15
C VAL A 828 -1.68 -12.87 -21.16
N LEU A 829 -2.26 -12.26 -22.20
CA LEU A 829 -3.05 -13.00 -23.20
C LEU A 829 -2.18 -13.82 -24.14
N ARG A 830 -2.83 -14.78 -24.81
CA ARG A 830 -2.21 -15.65 -25.80
C ARG A 830 -0.99 -16.37 -25.21
N SER A 831 -1.23 -17.07 -24.10
CA SER A 831 -0.19 -17.78 -23.37
C SER A 831 -0.74 -18.97 -22.59
N ASP A 832 0.18 -19.82 -22.12
CA ASP A 832 -0.17 -21.04 -21.39
C ASP A 832 1.00 -21.48 -20.51
N THR A 833 0.70 -22.22 -19.44
CA THR A 833 1.72 -22.76 -18.55
C THR A 833 2.48 -23.93 -19.18
N ILE A 834 3.64 -24.24 -18.63
CA ILE A 834 4.51 -25.31 -19.14
C ILE A 834 3.88 -26.69 -18.85
N ALA A 835 3.25 -26.83 -17.68
CA ALA A 835 2.57 -28.08 -17.29
C ALA A 835 1.44 -28.46 -18.24
N ASN A 836 0.64 -27.47 -18.64
CA ASN A 836 -0.49 -27.68 -19.55
C ASN A 836 -0.03 -27.99 -20.99
N ILE A 837 1.08 -27.38 -21.41
CA ILE A 837 1.67 -27.65 -22.72
C ILE A 837 2.26 -29.06 -22.79
N GLN A 838 3.04 -29.42 -21.76
CA GLN A 838 3.75 -30.72 -21.73
C GLN A 838 2.80 -31.92 -21.56
N LEU A 839 1.86 -31.81 -20.63
CA LEU A 839 0.87 -32.87 -20.38
C LEU A 839 -0.16 -32.95 -21.50
N ASN A 851 7.06 -35.15 -25.52
CA ASN A 851 7.69 -34.93 -24.22
C ASN A 851 9.02 -34.19 -24.33
N LYS A 852 9.92 -34.73 -25.14
CA LYS A 852 11.25 -34.14 -25.37
C LYS A 852 11.14 -32.85 -26.19
N ASP A 853 10.39 -32.90 -27.28
CA ASP A 853 10.06 -31.73 -28.11
C ASP A 853 8.64 -31.23 -27.83
N ALA A 854 8.28 -31.11 -26.55
CA ALA A 854 6.94 -30.71 -26.15
C ALA A 854 6.73 -29.22 -26.38
N LEU A 855 7.61 -28.42 -25.79
CA LEU A 855 7.58 -26.96 -25.95
C LEU A 855 8.00 -26.51 -27.35
N LEU A 856 8.91 -27.25 -27.97
CA LEU A 856 9.35 -26.95 -29.33
C LEU A 856 8.23 -27.11 -30.37
N ASN A 857 7.47 -28.21 -30.27
CA ASN A 857 6.33 -28.45 -31.16
C ASN A 857 5.11 -27.56 -30.88
N TRP A 858 5.02 -27.06 -29.65
CA TRP A 858 4.02 -26.04 -29.30
C TRP A 858 4.29 -24.73 -30.05
N LEU A 859 5.57 -24.35 -30.11
CA LEU A 859 6.00 -23.17 -30.88
C LEU A 859 5.83 -23.36 -32.40
N LYS A 860 6.02 -24.58 -32.89
CA LYS A 860 5.81 -24.89 -34.31
C LYS A 860 4.36 -24.64 -34.76
N SER A 861 3.40 -25.05 -33.93
CA SER A 861 1.97 -24.83 -34.20
C SER A 861 1.60 -23.34 -34.16
N LYS A 862 2.13 -22.62 -33.16
CA LYS A 862 1.86 -21.18 -33.00
C LYS A 862 2.71 -20.29 -33.91
N ASN A 863 3.91 -20.73 -34.26
CA ASN A 863 4.81 -20.04 -35.19
C ASN A 863 5.30 -21.00 -36.28
N PRO A 864 4.43 -21.34 -37.25
CA PRO A 864 4.84 -22.22 -38.35
C PRO A 864 5.65 -21.47 -39.40
N GLY A 865 6.56 -22.19 -40.06
CA GLY A 865 7.33 -21.65 -41.18
C GLY A 865 8.39 -20.64 -40.78
N GLU A 866 8.28 -19.42 -41.31
CA GLU A 866 9.30 -18.39 -41.12
C GLU A 866 9.32 -17.79 -39.71
N ALA A 867 8.17 -17.79 -39.04
CA ALA A 867 8.05 -17.24 -37.68
C ALA A 867 8.77 -18.06 -36.60
N LEU A 868 9.10 -19.32 -36.89
CA LEU A 868 9.77 -20.21 -35.93
C LEU A 868 11.11 -19.66 -35.45
N ASP A 869 11.94 -19.19 -36.39
CA ASP A 869 13.26 -18.62 -36.05
C ASP A 869 13.19 -17.31 -35.25
N ARG A 870 12.12 -16.55 -35.43
CA ARG A 870 11.86 -15.36 -34.61
C ARG A 870 11.50 -15.72 -33.18
N ALA A 871 10.55 -16.66 -33.02
CA ALA A 871 10.06 -17.10 -31.70
C ALA A 871 11.13 -17.76 -30.81
N ILE A 872 12.10 -18.43 -31.43
CA ILE A 872 13.23 -19.01 -30.70
C ILE A 872 14.12 -17.90 -30.12
N GLU A 873 14.36 -16.85 -30.91
CA GLU A 873 15.12 -15.68 -30.44
C GLU A 873 14.35 -14.93 -29.34
N GLU A 874 13.02 -14.88 -29.44
CA GLU A 874 12.18 -14.33 -28.37
C GLU A 874 12.30 -15.15 -27.09
N PHE A 875 12.33 -16.48 -27.24
CA PHE A 875 12.52 -17.41 -26.12
C PHE A 875 13.90 -17.27 -25.50
N THR A 876 14.93 -17.32 -26.34
CA THR A 876 16.34 -17.22 -25.91
C THR A 876 16.61 -15.94 -25.14
N LEU A 877 16.19 -14.81 -25.71
CA LEU A 877 16.35 -13.50 -25.07
C LEU A 877 15.60 -13.42 -23.73
N SER A 878 14.35 -13.87 -23.72
CA SER A 878 13.51 -13.85 -22.52
C SER A 878 13.98 -14.80 -21.42
N CYS A 879 14.30 -16.04 -21.81
CA CYS A 879 14.81 -17.04 -20.86
C CYS A 879 16.09 -16.56 -20.16
N ALA A 880 16.99 -15.95 -20.92
CA ALA A 880 18.21 -15.36 -20.38
C ALA A 880 17.90 -14.33 -19.29
N GLY A 881 16.98 -13.42 -19.60
CA GLY A 881 16.55 -12.36 -18.66
C GLY A 881 15.92 -12.88 -17.39
N TYR A 882 15.01 -13.84 -17.52
CA TYR A 882 14.33 -14.44 -16.35
C TYR A 882 15.24 -15.37 -15.56
N CYS A 883 16.21 -16.00 -16.21
CA CYS A 883 17.26 -16.76 -15.51
C CYS A 883 18.08 -15.85 -14.60
N VAL A 884 18.51 -14.71 -15.14
CA VAL A 884 19.30 -13.73 -14.40
C VAL A 884 18.48 -13.05 -13.29
N ALA A 885 17.24 -12.68 -13.62
CA ALA A 885 16.34 -12.02 -12.66
C ALA A 885 16.07 -12.89 -11.44
N THR A 886 15.63 -14.12 -11.69
CA THR A 886 15.37 -15.09 -10.62
C THR A 886 16.62 -15.42 -9.79
N TYR A 887 17.77 -15.46 -10.45
CA TYR A 887 19.05 -15.70 -9.76
C TYR A 887 19.35 -14.57 -8.77
N VAL A 888 19.35 -13.34 -9.28
CA VAL A 888 19.70 -12.15 -8.50
C VAL A 888 18.74 -11.97 -7.33
N LEU A 889 17.44 -12.01 -7.61
CA LEU A 889 16.41 -11.83 -6.59
C LEU A 889 16.26 -13.02 -5.64
N GLY A 890 16.84 -14.17 -6.01
CA GLY A 890 16.89 -15.32 -5.12
C GLY A 890 15.56 -16.03 -5.04
N ILE A 891 14.94 -16.24 -6.19
CA ILE A 891 13.56 -16.74 -6.27
C ILE A 891 13.59 -18.26 -6.38
N GLY A 892 13.08 -18.93 -5.34
CA GLY A 892 12.92 -20.39 -5.33
C GLY A 892 11.49 -20.80 -5.63
N ASP A 893 11.23 -22.10 -5.50
CA ASP A 893 9.91 -22.71 -5.76
C ASP A 893 9.43 -22.49 -7.22
N ARG A 894 10.36 -22.62 -8.17
CA ARG A 894 10.06 -22.51 -9.60
C ARG A 894 9.74 -23.89 -10.18
N HIS A 895 8.72 -23.94 -11.03
CA HIS A 895 8.25 -25.20 -11.60
C HIS A 895 7.29 -24.97 -12.79
N SER A 896 6.85 -26.06 -13.42
CA SER A 896 5.96 -26.02 -14.59
C SER A 896 4.66 -25.23 -14.39
N ASP A 897 4.06 -25.32 -13.21
CA ASP A 897 2.79 -24.64 -12.91
C ASP A 897 2.88 -23.11 -12.85
N ASN A 898 4.03 -22.57 -12.44
CA ASN A 898 4.21 -21.10 -12.31
C ASN A 898 5.27 -20.50 -13.26
N ILE A 899 5.45 -21.13 -14.42
CA ILE A 899 6.23 -20.58 -15.54
C ILE A 899 5.33 -20.65 -16.78
N MET A 900 5.37 -19.60 -17.59
CA MET A 900 4.50 -19.48 -18.77
C MET A 900 5.30 -19.11 -20.01
N ILE A 901 4.67 -19.33 -21.16
CA ILE A 901 5.24 -18.96 -22.46
C ILE A 901 4.14 -18.37 -23.33
N ARG A 902 4.44 -17.26 -23.99
CA ARG A 902 3.52 -16.62 -24.93
C ARG A 902 3.64 -17.27 -26.30
N GLU A 903 2.59 -17.11 -27.11
CA GLU A 903 2.57 -17.63 -28.47
C GLU A 903 3.61 -16.97 -29.39
N SER A 904 4.01 -15.73 -29.08
CA SER A 904 5.07 -15.04 -29.83
C SER A 904 6.49 -15.61 -29.61
N GLY A 905 6.67 -16.39 -28.54
CA GLY A 905 7.94 -17.04 -28.23
C GLY A 905 8.52 -16.68 -26.86
N GLN A 906 8.06 -15.59 -26.27
CA GLN A 906 8.59 -15.08 -25.00
C GLN A 906 8.19 -15.97 -23.82
N LEU A 907 9.18 -16.44 -23.07
CA LEU A 907 8.96 -17.15 -21.79
C LEU A 907 8.91 -16.13 -20.66
N PHE A 908 8.09 -16.41 -19.64
CA PHE A 908 7.99 -15.52 -18.47
C PHE A 908 7.48 -16.24 -17.23
N HIS A 909 7.88 -15.72 -16.06
CA HIS A 909 7.57 -16.31 -14.76
C HIS A 909 6.38 -15.57 -14.14
N ILE A 910 5.64 -16.28 -13.27
CA ILE A 910 4.44 -15.74 -12.61
C ILE A 910 4.34 -16.11 -11.13
N ASP A 911 3.55 -15.31 -10.40
CA ASP A 911 3.13 -15.61 -9.02
C ASP A 911 4.31 -15.90 -8.09
N PHE A 912 5.04 -14.84 -7.75
CA PHE A 912 6.27 -14.95 -6.97
C PHE A 912 5.95 -14.97 -5.48
N GLY A 913 5.99 -16.17 -4.90
CA GLY A 913 5.68 -16.37 -3.49
C GLY A 913 6.87 -16.10 -2.59
N HIS A 914 8.05 -16.57 -3.02
CA HIS A 914 9.26 -16.51 -2.20
C HIS A 914 10.43 -15.88 -2.96
N PHE A 915 11.36 -15.26 -2.21
CA PHE A 915 12.55 -14.63 -2.80
C PHE A 915 13.67 -14.38 -1.78
N LEU A 916 14.83 -13.96 -2.27
CA LEU A 916 16.04 -13.72 -1.45
C LEU A 916 16.50 -14.94 -0.63
N GLY A 917 16.36 -16.13 -1.23
CA GLY A 917 16.82 -17.38 -0.61
C GLY A 917 15.80 -18.21 0.14
N ASN A 918 14.66 -17.61 0.50
CA ASN A 918 13.67 -18.28 1.35
C ASN A 918 12.80 -19.27 0.59
N PHE A 919 12.22 -20.23 1.31
CA PHE A 919 11.37 -21.28 0.74
C PHE A 919 10.27 -21.68 1.73
N ASN A 926 13.66 -21.66 6.39
CA ASN A 926 15.11 -21.62 6.19
C ASN A 926 15.50 -20.93 4.87
N ARG A 927 16.62 -20.22 4.90
CA ARG A 927 17.10 -19.42 3.76
C ARG A 927 18.52 -19.84 3.34
N GLU A 928 18.61 -20.48 2.17
CA GLU A 928 19.89 -20.86 1.54
C GLU A 928 20.04 -20.19 0.18
N ARG A 929 21.26 -20.25 -0.35
CA ARG A 929 21.55 -19.68 -1.69
C ARG A 929 20.88 -20.48 -2.80
N VAL A 930 19.93 -19.85 -3.48
CA VAL A 930 19.26 -20.46 -4.64
C VAL A 930 20.23 -20.42 -5.83
N PRO A 931 20.57 -21.58 -6.42
CA PRO A 931 21.54 -21.60 -7.51
C PRO A 931 20.98 -21.10 -8.83
N PHE A 932 21.86 -20.89 -9.79
CA PHE A 932 21.48 -20.56 -11.18
C PHE A 932 20.88 -21.81 -11.82
N ILE A 933 19.71 -21.66 -12.44
CA ILE A 933 18.93 -22.80 -12.95
C ILE A 933 18.71 -22.69 -14.46
N LEU A 934 19.22 -23.69 -15.19
CA LEU A 934 18.94 -23.89 -16.61
C LEU A 934 18.27 -25.24 -16.79
N THR A 935 17.01 -25.23 -17.24
CA THR A 935 16.25 -26.47 -17.45
C THR A 935 16.63 -27.07 -18.80
N TYR A 936 16.64 -28.40 -18.86
CA TYR A 936 16.97 -29.13 -20.09
C TYR A 936 16.03 -28.80 -21.24
N ASP A 937 14.74 -28.67 -20.92
CA ASP A 937 13.70 -28.31 -21.90
C ASP A 937 13.93 -26.93 -22.53
N PHE A 938 14.36 -25.96 -21.71
CA PHE A 938 14.63 -24.61 -22.19
C PHE A 938 15.89 -24.57 -23.05
N VAL A 939 16.95 -25.26 -22.59
CA VAL A 939 18.21 -25.35 -23.34
C VAL A 939 18.01 -26.08 -24.69
N HIS A 940 17.11 -27.07 -24.69
CA HIS A 940 16.73 -27.80 -25.93
C HIS A 940 16.12 -26.85 -26.96
N VAL A 941 15.19 -26.01 -26.52
CA VAL A 941 14.52 -25.02 -27.40
C VAL A 941 15.50 -23.95 -27.90
N ILE A 942 16.39 -23.48 -27.01
CA ILE A 942 17.40 -22.48 -27.36
C ILE A 942 18.32 -22.96 -28.50
N GLN A 943 18.73 -24.24 -28.43
CA GLN A 943 19.62 -24.83 -29.43
C GLN A 943 18.93 -25.33 -30.73
N GLN A 944 17.62 -25.12 -30.84
CA GLN A 944 16.83 -25.39 -32.05
C GLN A 944 16.71 -26.89 -32.34
N GLY A 945 16.38 -27.66 -31.30
CA GLY A 945 16.21 -29.11 -31.39
C GLY A 945 17.48 -29.94 -31.58
N LYS A 946 18.65 -29.32 -31.40
CA LYS A 946 19.94 -29.98 -31.62
C LYS A 946 20.55 -30.40 -30.28
N THR A 947 21.27 -31.51 -30.29
CA THR A 947 21.98 -32.00 -29.10
C THR A 947 23.14 -31.07 -28.73
N ASN A 948 23.85 -30.57 -29.76
CA ASN A 948 24.91 -29.59 -29.58
C ASN A 948 24.78 -28.46 -30.61
N ASN A 949 24.72 -27.22 -30.11
CA ASN A 949 24.71 -26.02 -30.95
C ASN A 949 25.42 -24.90 -30.20
N SER A 950 26.75 -24.88 -30.35
CA SER A 950 27.62 -23.96 -29.59
C SER A 950 27.42 -22.49 -29.95
N GLU A 951 27.03 -22.20 -31.19
CA GLU A 951 26.87 -20.81 -31.66
C GLU A 951 25.72 -20.11 -30.96
N LYS A 952 24.55 -20.77 -30.96
CA LYS A 952 23.34 -20.22 -30.33
C LYS A 952 23.46 -20.17 -28.81
N PHE A 953 24.03 -21.21 -28.21
CA PHE A 953 24.25 -21.26 -26.76
C PHE A 953 25.25 -20.21 -26.27
N GLU A 954 26.23 -19.86 -27.11
CA GLU A 954 27.20 -18.79 -26.79
C GLU A 954 26.57 -17.40 -26.81
N ARG A 955 25.56 -17.19 -27.65
CA ARG A 955 24.76 -15.96 -27.62
C ARG A 955 23.96 -15.88 -26.34
N PHE A 956 23.29 -16.99 -26.00
CA PHE A 956 22.54 -17.13 -24.74
C PHE A 956 23.43 -16.92 -23.50
N ARG A 957 24.61 -17.51 -23.51
CA ARG A 957 25.61 -17.27 -22.46
C ARG A 957 25.97 -15.78 -22.41
N GLY A 958 26.20 -15.19 -23.58
CA GLY A 958 26.49 -13.77 -23.71
C GLY A 958 25.40 -12.86 -23.16
N TYR A 959 24.14 -13.21 -23.44
CA TYR A 959 22.99 -12.45 -22.95
C TYR A 959 22.88 -12.46 -21.42
N CYS A 960 23.03 -13.64 -20.82
CA CYS A 960 23.01 -13.80 -19.36
C CYS A 960 24.15 -13.05 -18.68
N GLU A 961 25.35 -13.10 -19.27
CA GLU A 961 26.50 -12.35 -18.77
C GLU A 961 26.33 -10.84 -18.92
N ARG A 962 25.85 -10.41 -20.09
CA ARG A 962 25.63 -8.98 -20.35
C ARG A 962 24.55 -8.43 -19.41
N ALA A 963 23.46 -9.20 -19.26
CA ALA A 963 22.39 -8.87 -18.31
C ALA A 963 22.93 -8.73 -16.89
N TYR A 964 23.64 -9.76 -16.44
CA TYR A 964 24.20 -9.78 -15.08
C TYR A 964 25.16 -8.62 -14.79
N THR A 965 25.97 -8.25 -15.78
CA THR A 965 26.94 -7.15 -15.63
C THR A 965 26.25 -5.80 -15.46
N ILE A 966 25.20 -5.57 -16.26
CA ILE A 966 24.42 -4.32 -16.22
C ILE A 966 23.81 -4.08 -14.84
N LEU A 967 23.28 -5.14 -14.21
CA LEU A 967 22.69 -5.02 -12.88
C LEU A 967 23.72 -4.69 -11.77
N ARG A 968 24.96 -5.14 -11.95
CA ARG A 968 26.05 -4.80 -11.02
C ARG A 968 26.38 -3.30 -11.03
N ARG A 969 26.32 -2.67 -12.21
CA ARG A 969 26.50 -1.22 -12.32
C ARG A 969 25.46 -0.42 -11.52
N HIS A 970 24.22 -0.91 -11.46
CA HIS A 970 23.15 -0.28 -10.67
C HIS A 970 22.77 -1.13 -9.45
N GLY A 971 23.77 -1.73 -8.81
CA GLY A 971 23.55 -2.64 -7.70
C GLY A 971 23.13 -1.95 -6.42
N LEU A 972 23.70 -0.78 -6.14
CA LEU A 972 23.32 0.01 -4.95
C LEU A 972 21.86 0.43 -4.97
N LEU A 973 21.32 0.71 -6.17
CA LEU A 973 19.91 1.04 -6.33
C LEU A 973 19.03 -0.09 -5.77
N PHE A 974 19.28 -1.31 -6.24
CA PHE A 974 18.59 -2.49 -5.73
C PHE A 974 18.71 -2.65 -4.22
N LEU A 975 19.90 -2.43 -3.67
CA LEU A 975 20.09 -2.53 -2.21
C LEU A 975 19.28 -1.46 -1.47
N HIS A 976 19.42 -0.22 -1.91
CA HIS A 976 18.73 0.93 -1.27
C HIS A 976 17.21 0.79 -1.35
N LEU A 977 16.70 0.36 -2.50
CA LEU A 977 15.26 0.15 -2.68
C LEU A 977 14.72 -0.99 -1.81
N PHE A 978 15.43 -2.12 -1.81
CA PHE A 978 15.08 -3.25 -0.93
C PHE A 978 15.15 -2.88 0.55
N ALA A 979 16.12 -2.04 0.93
CA ALA A 979 16.27 -1.61 2.32
C ALA A 979 15.04 -0.82 2.81
N LEU A 980 14.54 0.08 1.96
CA LEU A 980 13.35 0.88 2.27
C LEU A 980 12.09 0.00 2.38
N MET A 981 12.02 -1.08 1.59
CA MET A 981 10.92 -2.06 1.68
C MET A 981 10.82 -2.87 2.98
N ARG A 982 11.83 -2.82 3.83
CA ARG A 982 11.73 -3.40 5.18
C ARG A 982 10.56 -2.81 5.99
N ALA A 983 10.23 -1.54 5.72
CA ALA A 983 9.05 -0.88 6.30
C ALA A 983 7.75 -1.67 6.14
N ALA A 984 7.57 -2.27 4.96
CA ALA A 984 6.37 -3.05 4.63
C ALA A 984 6.10 -4.27 5.52
N GLY A 985 7.11 -4.74 6.25
CA GLY A 985 6.92 -5.83 7.20
C GLY A 985 6.65 -7.16 6.54
N LEU A 986 7.26 -7.38 5.38
CA LEU A 986 7.22 -8.68 4.71
C LEU A 986 8.12 -9.64 5.50
N PRO A 987 7.67 -10.90 5.72
CA PRO A 987 8.52 -11.88 6.43
C PRO A 987 9.91 -12.09 5.81
N GLU A 988 9.93 -12.20 4.48
CA GLU A 988 11.17 -12.49 3.73
C GLU A 988 12.04 -11.26 3.42
N LEU A 989 11.57 -10.07 3.76
CA LEU A 989 12.36 -8.84 3.66
C LEU A 989 12.20 -8.02 4.95
N SER A 990 12.91 -8.47 5.99
CA SER A 990 12.84 -7.88 7.33
C SER A 990 14.20 -7.39 7.84
N CYS A 991 15.19 -8.29 7.90
CA CYS A 991 16.52 -8.00 8.45
C CYS A 991 17.54 -7.59 7.39
N SER A 992 18.73 -7.19 7.85
CA SER A 992 19.83 -6.80 6.97
C SER A 992 20.49 -7.96 6.20
N LYS A 993 20.35 -9.19 6.70
CA LYS A 993 20.84 -10.39 6.01
C LYS A 993 20.02 -10.71 4.74
N ASP A 994 18.77 -10.24 4.70
CA ASP A 994 17.94 -10.34 3.48
C ASP A 994 18.49 -9.42 2.38
N ILE A 995 18.97 -8.25 2.78
CA ILE A 995 19.64 -7.30 1.87
C ILE A 995 21.00 -7.87 1.46
N GLN A 996 21.70 -8.53 2.40
CA GLN A 996 22.97 -9.19 2.12
C GLN A 996 22.87 -10.17 0.94
N TYR A 997 21.78 -10.93 0.87
CA TYR A 997 21.52 -11.86 -0.26
C TYR A 997 21.76 -11.18 -1.62
N LEU A 998 21.25 -9.95 -1.76
CA LEU A 998 21.47 -9.16 -2.97
C LEU A 998 22.92 -8.75 -3.15
N LYS A 999 23.59 -8.34 -2.07
CA LYS A 999 25.01 -7.97 -2.11
C LYS A 999 25.88 -9.11 -2.64
N ASP A 1000 25.60 -10.33 -2.20
CA ASP A 1000 26.32 -11.54 -2.63
C ASP A 1000 25.94 -12.00 -4.04
N SER A 1001 24.63 -12.08 -4.32
CA SER A 1001 24.14 -12.53 -5.64
C SER A 1001 24.66 -11.65 -6.78
N LEU A 1002 24.62 -10.34 -6.58
CA LEU A 1002 25.24 -9.38 -7.50
C LEU A 1002 26.76 -9.31 -7.32
N ALA A 1003 27.23 -9.66 -6.12
CA ALA A 1003 28.66 -9.78 -5.82
C ALA A 1003 29.36 -8.42 -5.92
N LEU A 1004 28.81 -7.43 -5.20
CA LEU A 1004 29.30 -6.05 -5.25
C LEU A 1004 30.64 -5.85 -4.54
N GLY A 1005 30.89 -6.64 -3.50
CA GLY A 1005 32.19 -6.65 -2.82
C GLY A 1005 33.35 -7.05 -3.72
N LYS A 1006 33.12 -8.06 -4.55
CA LYS A 1006 34.10 -8.50 -5.55
C LYS A 1006 34.14 -7.53 -6.74
N THR A 1007 35.22 -7.63 -7.52
CA THR A 1007 35.43 -6.76 -8.68
C THR A 1007 34.60 -7.24 -9.88
N GLU A 1008 34.56 -6.42 -10.92
CA GLU A 1008 33.79 -6.75 -12.13
C GLU A 1008 34.31 -7.99 -12.84
N GLU A 1009 35.63 -8.15 -12.89
CA GLU A 1009 36.26 -9.34 -13.47
C GLU A 1009 36.00 -10.58 -12.60
N GLU A 1010 36.30 -10.45 -11.31
CA GLU A 1010 36.11 -11.52 -10.33
C GLU A 1010 34.67 -12.03 -10.23
N ALA A 1011 33.73 -11.07 -10.15
CA ALA A 1011 32.30 -11.40 -10.08
C ALA A 1011 31.81 -12.14 -11.33
N LEU A 1012 32.28 -11.69 -12.50
CA LEU A 1012 31.90 -12.32 -13.77
C LEU A 1012 32.50 -13.72 -13.95
N LYS A 1013 33.72 -13.93 -13.46
CA LYS A 1013 34.35 -15.25 -13.45
C LYS A 1013 33.60 -16.25 -12.55
N HIS A 1014 33.09 -15.76 -11.41
CA HIS A 1014 32.29 -16.58 -10.50
C HIS A 1014 30.92 -16.90 -11.09
N PHE A 1015 30.33 -15.92 -11.79
CA PHE A 1015 29.07 -16.12 -12.53
C PHE A 1015 29.16 -17.21 -13.58
N ARG A 1016 30.27 -17.25 -14.33
CA ARG A 1016 30.53 -18.29 -15.35
C ARG A 1016 30.63 -19.69 -14.74
N VAL A 1017 31.23 -19.80 -13.55
CA VAL A 1017 31.30 -21.07 -12.83
C VAL A 1017 29.90 -21.54 -12.41
N LYS A 1018 29.10 -20.61 -11.87
CA LYS A 1018 27.70 -20.87 -11.54
C LYS A 1018 26.84 -21.13 -12.78
N PHE A 1019 27.18 -20.51 -13.90
CA PHE A 1019 26.56 -20.82 -15.20
C PHE A 1019 26.90 -22.24 -15.67
N ASN A 1020 28.21 -22.54 -15.70
CA ASN A 1020 28.70 -23.86 -16.13
C ASN A 1020 28.21 -25.01 -15.25
N GLU A 1021 28.10 -24.77 -13.95
CA GLU A 1021 27.55 -25.76 -13.02
C GLU A 1021 26.05 -25.96 -13.22
N ALA A 1022 25.34 -24.91 -13.62
CA ALA A 1022 23.91 -25.00 -13.97
C ALA A 1022 23.68 -25.83 -15.24
N LEU A 1023 24.57 -25.68 -16.23
CA LEU A 1023 24.52 -26.48 -17.46
C LEU A 1023 24.76 -27.97 -17.20
N ARG A 1024 25.69 -28.27 -16.30
CA ARG A 1024 25.95 -29.65 -15.86
C ARG A 1024 24.77 -30.24 -15.09
N GLU A 1025 24.19 -29.43 -14.20
CA GLU A 1025 23.03 -29.84 -13.38
C GLU A 1025 21.75 -30.05 -14.21
N SER A 1026 21.68 -29.45 -15.40
CA SER A 1026 20.57 -29.64 -16.34
C SER A 1026 20.41 -31.10 -16.79
N TRP A 1027 21.52 -31.76 -17.11
CA TRP A 1027 21.52 -33.18 -17.52
C TRP A 1027 21.13 -34.12 -16.39
N LYS A 1028 21.62 -33.85 -15.18
CA LYS A 1028 21.26 -34.63 -13.98
C LYS A 1028 19.83 -34.33 -13.54
N GLN B 2 37.92 -21.79 33.76
CA GLN B 2 37.68 -20.39 33.27
C GLN B 2 36.79 -20.37 32.02
N GLN B 3 35.52 -20.72 32.20
CA GLN B 3 34.53 -20.80 31.10
C GLN B 3 33.14 -20.40 31.59
N GLU B 9 26.67 -31.81 27.69
CA GLU B 9 27.82 -32.50 27.10
C GLU B 9 27.50 -33.97 26.83
N ASP B 10 26.58 -34.20 25.89
CA ASP B 10 26.13 -35.54 25.50
C ASP B 10 26.72 -35.89 24.12
N ASN B 11 26.52 -37.12 23.65
CA ASN B 11 26.97 -37.52 22.30
C ASN B 11 26.16 -36.88 21.18
N ILE B 12 26.70 -36.89 19.97
CA ILE B 12 26.17 -36.12 18.84
C ILE B 12 24.82 -36.65 18.32
N GLU B 13 24.70 -37.97 18.20
CA GLU B 13 23.46 -38.60 17.75
C GLU B 13 22.31 -38.29 18.72
N ALA B 14 22.60 -38.37 20.03
CA ALA B 14 21.61 -38.08 21.06
C ALA B 14 21.19 -36.60 21.11
N VAL B 15 22.12 -35.70 20.82
CA VAL B 15 21.83 -34.25 20.75
C VAL B 15 20.98 -33.93 19.52
N GLY B 16 21.35 -34.51 18.38
CA GLY B 16 20.57 -34.39 17.14
C GLY B 16 19.14 -34.89 17.25
N LYS B 17 18.92 -35.92 18.06
CA LYS B 17 17.58 -36.41 18.36
C LYS B 17 16.78 -35.32 19.07
N LYS B 18 17.39 -34.67 20.06
CA LYS B 18 16.77 -33.58 20.81
C LYS B 18 16.56 -32.31 19.95
N LEU B 19 17.45 -32.08 18.99
CA LEU B 19 17.27 -31.00 18.00
C LEU B 19 15.99 -31.22 17.18
N HIS B 20 15.75 -32.45 16.75
CA HIS B 20 14.53 -32.81 16.01
C HIS B 20 13.28 -32.63 16.86
N GLU B 21 13.33 -33.08 18.12
CA GLU B 21 12.20 -32.96 19.06
C GLU B 21 11.87 -31.51 19.38
N TYR B 22 12.88 -30.74 19.80
CA TYR B 22 12.69 -29.32 20.15
C TYR B 22 12.28 -28.45 18.94
N ASN B 23 12.74 -28.81 17.74
CA ASN B 23 12.32 -28.11 16.52
C ASN B 23 10.84 -28.38 16.16
N THR B 24 10.39 -29.62 16.36
CA THR B 24 9.00 -29.99 16.15
C THR B 24 8.08 -29.28 17.15
N GLN B 25 8.49 -29.27 18.43
CA GLN B 25 7.75 -28.55 19.47
C GLN B 25 7.71 -27.04 19.23
N PHE B 26 8.79 -26.49 18.67
CA PHE B 26 8.85 -25.08 18.29
C PHE B 26 7.89 -24.75 17.15
N GLN B 27 7.89 -25.60 16.12
CA GLN B 27 7.04 -25.38 14.94
C GLN B 27 5.55 -25.50 15.28
N GLU B 28 5.19 -26.47 16.12
CA GLU B 28 3.81 -26.62 16.61
C GLU B 28 3.33 -25.35 17.33
N LYS B 29 4.14 -24.88 18.26
CA LYS B 29 3.86 -23.62 18.99
C LYS B 29 3.86 -22.39 18.08
N SER B 30 4.74 -22.38 17.08
CA SER B 30 4.74 -21.31 16.06
C SER B 30 3.44 -21.27 15.26
N ARG B 31 2.92 -22.45 14.91
CA ARG B 31 1.61 -22.55 14.23
C ARG B 31 0.46 -22.10 15.14
N GLU B 32 0.49 -22.56 16.39
CA GLU B 32 -0.54 -22.23 17.38
C GLU B 32 -0.64 -20.73 17.68
N TYR B 33 0.51 -20.04 17.73
CA TYR B 33 0.55 -18.59 17.92
C TYR B 33 0.00 -17.86 16.70
N ASP B 34 0.41 -18.31 15.51
CA ASP B 34 -0.10 -17.77 14.23
C ASP B 34 -1.62 -17.93 14.06
N ARG B 35 -2.18 -18.97 14.64
CA ARG B 35 -3.64 -19.15 14.73
C ARG B 35 -4.26 -18.08 15.63
N LEU B 36 -3.70 -17.90 16.82
CA LEU B 36 -4.21 -16.92 17.79
C LEU B 36 -4.01 -15.48 17.33
N TYR B 37 -2.91 -15.22 16.64
CA TYR B 37 -2.64 -13.90 16.06
C TYR B 37 -3.61 -13.59 14.91
N GLU B 38 -3.98 -14.61 14.13
CA GLU B 38 -4.99 -14.47 13.09
C GLU B 38 -6.33 -14.04 13.73
N ASP B 39 -6.71 -14.74 14.80
CA ASP B 39 -7.91 -14.40 15.57
C ASP B 39 -7.84 -13.00 16.20
N TYR B 40 -6.66 -12.64 16.71
CA TYR B 40 -6.41 -11.28 17.22
C TYR B 40 -6.57 -10.21 16.13
N THR B 41 -6.06 -10.51 14.93
CA THR B 41 -6.21 -9.62 13.78
C THR B 41 -7.68 -9.52 13.37
N ARG B 42 -8.32 -10.69 13.22
CA ARG B 42 -9.72 -10.79 12.80
C ARG B 42 -10.69 -10.08 13.77
N THR B 43 -10.53 -10.38 15.06
CA THR B 43 -11.40 -9.82 16.11
C THR B 43 -11.24 -8.30 16.23
N SER B 44 -10.02 -7.79 16.01
CA SER B 44 -9.76 -6.35 16.01
C SER B 44 -10.53 -5.63 14.90
N GLN B 45 -10.63 -6.25 13.73
CA GLN B 45 -11.45 -5.71 12.62
C GLN B 45 -12.94 -5.74 12.96
N GLU B 46 -13.39 -6.83 13.57
CA GLU B 46 -14.80 -6.98 13.97
C GLU B 46 -15.22 -6.02 15.07
N ILE B 47 -14.36 -5.81 16.06
CA ILE B 47 -14.63 -4.86 17.15
C ILE B 47 -14.74 -3.42 16.63
N GLN B 48 -13.86 -3.05 15.71
CA GLN B 48 -13.89 -1.71 15.07
C GLN B 48 -15.17 -1.52 14.26
N MET B 49 -15.52 -2.54 13.47
CA MET B 49 -16.77 -2.56 12.71
C MET B 49 -18.00 -2.41 13.61
N LYS B 50 -18.03 -3.15 14.71
CA LYS B 50 -19.09 -3.04 15.71
C LYS B 50 -19.20 -1.63 16.31
N ARG B 51 -18.06 -1.06 16.68
CA ARG B 51 -18.02 0.30 17.23
C ARG B 51 -18.32 1.39 16.20
N THR B 52 -17.99 1.14 14.94
CA THR B 52 -18.42 1.99 13.83
C THR B 52 -19.93 1.85 13.59
N ALA B 53 -20.45 0.64 13.73
CA ALA B 53 -21.89 0.39 13.61
C ALA B 53 -22.71 1.02 14.74
N ILE B 54 -22.15 1.06 15.95
CA ILE B 54 -22.78 1.75 17.09
C ILE B 54 -22.85 3.26 16.87
N GLU B 55 -21.80 3.84 16.28
CA GLU B 55 -21.82 5.25 15.86
C GLU B 55 -22.92 5.49 14.82
N ALA B 56 -23.08 4.55 13.89
CA ALA B 56 -24.14 4.62 12.88
C ALA B 56 -25.53 4.58 13.54
N PHE B 57 -25.72 3.62 14.45
CA PHE B 57 -26.94 3.55 15.28
C PHE B 57 -27.23 4.86 16.01
N ASN B 58 -26.19 5.45 16.57
CA ASN B 58 -26.29 6.72 17.28
C ASN B 58 -26.75 7.85 16.36
N GLU B 59 -26.13 7.96 15.19
CA GLU B 59 -26.51 8.98 14.20
C GLU B 59 -27.90 8.75 13.62
N THR B 60 -28.30 7.48 13.48
CA THR B 60 -29.67 7.15 13.08
C THR B 60 -30.64 7.64 14.15
N ILE B 61 -30.43 7.19 15.39
CA ILE B 61 -31.23 7.62 16.55
C ILE B 61 -31.20 9.15 16.73
N LYS B 62 -30.07 9.78 16.43
CA LYS B 62 -29.96 11.24 16.47
C LYS B 62 -30.94 11.90 15.48
N ILE B 63 -31.03 11.35 14.27
CA ILE B 63 -31.97 11.84 13.24
C ILE B 63 -33.44 11.65 13.65
N PHE B 64 -33.76 10.50 14.23
CA PHE B 64 -35.09 10.26 14.79
C PHE B 64 -35.47 11.27 15.88
N GLU B 65 -34.51 11.61 16.74
CA GLU B 65 -34.73 12.57 17.82
C GLU B 65 -34.83 14.01 17.31
N GLU B 66 -34.11 14.32 16.23
CA GLU B 66 -34.30 15.58 15.49
C GLU B 66 -35.72 15.67 14.89
N GLN B 67 -36.18 14.56 14.33
CA GLN B 67 -37.55 14.47 13.78
C GLN B 67 -38.61 14.66 14.86
N CYS B 68 -38.42 14.02 16.01
CA CYS B 68 -39.31 14.21 17.18
C CYS B 68 -39.36 15.67 17.67
N GLN B 69 -38.22 16.37 17.58
CA GLN B 69 -38.19 17.81 17.86
C GLN B 69 -38.98 18.57 16.80
N THR B 70 -38.74 18.25 15.53
CA THR B 70 -39.46 18.88 14.40
C THR B 70 -40.97 18.66 14.49
N GLN B 71 -41.37 17.44 14.85
CA GLN B 71 -42.80 17.10 14.94
C GLN B 71 -43.52 17.93 16.00
N GLU B 72 -42.90 18.09 17.16
CA GLU B 72 -43.49 18.87 18.26
C GLU B 72 -43.52 20.37 17.98
N ARG B 73 -42.44 20.91 17.40
CA ARG B 73 -42.37 22.34 17.07
C ARG B 73 -43.32 22.73 15.94
N TYR B 74 -43.36 21.91 14.89
CA TYR B 74 -44.19 22.17 13.72
C TYR B 74 -45.69 21.98 13.97
N SER B 75 -46.04 20.98 14.76
CA SER B 75 -47.46 20.63 15.00
C SER B 75 -48.23 21.61 15.90
N LYS B 76 -47.52 22.42 16.68
CA LYS B 76 -48.16 23.40 17.58
C LYS B 76 -49.14 24.36 16.89
N GLU B 77 -48.78 24.81 15.68
CA GLU B 77 -49.63 25.73 14.91
C GLU B 77 -50.88 25.07 14.34
N TYR B 78 -50.72 23.87 13.78
CA TYR B 78 -51.81 23.17 13.06
C TYR B 78 -52.79 22.42 13.95
N ILE B 79 -52.32 21.86 15.07
CA ILE B 79 -53.22 21.24 16.05
C ILE B 79 -54.20 22.28 16.60
N GLU B 80 -53.71 23.48 16.89
CA GLU B 80 -54.57 24.60 17.31
C GLU B 80 -55.52 25.05 16.21
N LYS B 81 -55.01 25.14 14.98
CA LYS B 81 -55.79 25.60 13.82
C LYS B 81 -56.91 24.63 13.43
N PHE B 82 -56.60 23.33 13.42
CA PHE B 82 -57.60 22.29 13.16
C PHE B 82 -58.63 22.14 14.31
N LYS B 83 -58.24 22.49 15.53
CA LYS B 83 -59.16 22.53 16.68
C LYS B 83 -60.18 23.68 16.56
N ARG B 84 -59.75 24.82 16.02
CA ARG B 84 -60.64 25.96 15.75
C ARG B 84 -61.65 25.65 14.65
N GLU B 85 -61.16 25.10 13.54
CA GLU B 85 -62.01 24.71 12.40
C GLU B 85 -62.91 23.49 12.65
N GLY B 86 -62.65 22.74 13.73
CA GLY B 86 -63.49 21.61 14.14
C GLY B 86 -63.11 20.34 13.42
N ASN B 87 -61.79 20.08 13.37
CA ASN B 87 -61.22 18.97 12.63
C ASN B 87 -60.34 18.17 13.59
N GLU B 88 -61.01 17.49 14.53
CA GLU B 88 -60.34 16.62 15.50
C GLU B 88 -59.77 15.35 14.85
N THR B 89 -60.35 14.92 13.72
CA THR B 89 -59.87 13.75 12.99
C THR B 89 -58.48 13.96 12.37
N GLU B 90 -58.20 15.16 11.86
CA GLU B 90 -56.89 15.49 11.31
C GLU B 90 -55.80 15.51 12.39
N ILE B 91 -56.17 15.95 13.59
CA ILE B 91 -55.29 15.91 14.77
C ILE B 91 -54.98 14.46 15.17
N GLN B 92 -55.98 13.58 15.12
CA GLN B 92 -55.81 12.16 15.43
C GLN B 92 -54.84 11.45 14.47
N ARG B 93 -54.86 11.83 13.20
CA ARG B 93 -53.90 11.34 12.20
C ARG B 93 -52.48 11.78 12.53
N ILE B 94 -52.33 13.05 12.90
CA ILE B 94 -51.04 13.66 13.21
C ILE B 94 -50.39 13.03 14.44
N MET B 95 -51.16 12.87 15.51
CA MET B 95 -50.63 12.33 16.77
C MET B 95 -50.38 10.83 16.73
N HIS B 96 -51.23 10.07 16.03
CA HIS B 96 -51.00 8.62 15.85
C HIS B 96 -49.75 8.35 15.00
N ASN B 97 -49.50 9.20 14.02
CA ASN B 97 -48.29 9.14 13.20
C ASN B 97 -47.04 9.37 14.04
N TYR B 98 -47.10 10.37 14.91
CA TYR B 98 -46.06 10.63 15.91
C TYR B 98 -45.83 9.42 16.83
N GLU B 99 -46.92 8.77 17.25
CA GLU B 99 -46.80 7.55 18.05
C GLU B 99 -46.18 6.40 17.25
N LYS B 100 -46.49 6.35 15.95
CA LYS B 100 -45.87 5.36 15.05
C LYS B 100 -44.36 5.64 14.84
N LEU B 101 -43.98 6.92 14.83
CA LEU B 101 -42.56 7.32 14.80
C LEU B 101 -41.81 6.89 16.08
N LYS B 102 -42.41 7.18 17.23
CA LYS B 102 -41.83 6.84 18.55
C LYS B 102 -41.64 5.34 18.75
N SER B 103 -42.60 4.53 18.32
CA SER B 103 -42.51 3.07 18.47
C SER B 103 -41.38 2.45 17.61
N ARG B 104 -41.07 3.08 16.49
CA ARG B 104 -39.94 2.66 15.63
C ARG B 104 -38.60 2.88 16.33
N ILE B 105 -38.46 4.01 17.03
CA ILE B 105 -37.23 4.29 17.80
C ILE B 105 -36.96 3.17 18.82
N SER B 106 -37.99 2.75 19.55
CA SER B 106 -37.87 1.65 20.50
C SER B 106 -37.31 0.36 19.90
N GLU B 107 -37.62 0.12 18.62
CA GLU B 107 -37.04 -1.00 17.87
C GLU B 107 -35.55 -0.77 17.56
N ILE B 108 -35.20 0.45 17.14
CA ILE B 108 -33.82 0.82 16.79
C ILE B 108 -32.94 0.86 18.04
N VAL B 109 -33.48 1.41 19.13
CA VAL B 109 -32.80 1.42 20.42
C VAL B 109 -32.57 -0.01 20.93
N ASP B 110 -33.57 -0.89 20.74
CA ASP B 110 -33.43 -2.31 21.10
C ASP B 110 -32.36 -3.01 20.24
N SER B 111 -32.29 -2.64 18.96
CA SER B 111 -31.25 -3.15 18.07
C SER B 111 -29.84 -2.69 18.45
N ARG B 112 -29.72 -1.42 18.83
CA ARG B 112 -28.44 -0.87 19.33
C ARG B 112 -27.93 -1.56 20.59
N ARG B 113 -28.84 -1.92 21.50
N ARG B 113 -28.85 -1.92 21.49
CA ARG B 113 -28.49 -2.61 22.73
CA ARG B 113 -28.52 -2.63 22.73
C ARG B 113 -27.91 -4.02 22.49
C ARG B 113 -27.91 -4.01 22.48
N ARG B 114 -28.45 -4.73 21.51
CA ARG B 114 -27.93 -6.07 21.13
C ARG B 114 -26.49 -6.02 20.63
N LEU B 115 -26.20 -5.01 19.81
CA LEU B 115 -24.84 -4.79 19.30
C LEU B 115 -23.87 -4.45 20.43
N GLU B 116 -24.30 -3.58 21.34
CA GLU B 116 -23.51 -3.24 22.54
C GLU B 116 -23.18 -4.46 23.41
N GLU B 117 -24.12 -5.40 23.51
CA GLU B 117 -23.92 -6.63 24.28
C GLU B 117 -23.00 -7.63 23.56
N ASP B 118 -23.12 -7.71 22.24
CA ASP B 118 -22.18 -8.49 21.41
C ASP B 118 -20.77 -7.90 21.46
N LEU B 119 -20.68 -6.57 21.43
CA LEU B 119 -19.41 -5.86 21.59
C LEU B 119 -18.79 -6.10 22.97
N LYS B 120 -19.61 -6.25 24.00
CA LYS B 120 -19.14 -6.58 25.34
C LYS B 120 -18.59 -8.01 25.41
N LYS B 121 -19.32 -8.96 24.82
CA LYS B 121 -18.87 -10.36 24.73
C LYS B 121 -17.61 -10.52 23.86
N GLN B 122 -17.58 -9.84 22.72
CA GLN B 122 -16.41 -9.86 21.83
C GLN B 122 -15.19 -9.13 22.42
N ALA B 123 -15.43 -8.14 23.28
CA ALA B 123 -14.34 -7.47 24.01
C ALA B 123 -13.67 -8.38 25.03
N ALA B 124 -14.45 -9.28 25.63
CA ALA B 124 -13.91 -10.31 26.54
C ALA B 124 -13.04 -11.31 25.79
N GLU B 125 -13.54 -11.77 24.64
CA GLU B 125 -12.83 -12.74 23.80
C GLU B 125 -11.48 -12.20 23.29
N TYR B 126 -11.47 -10.93 22.89
CA TYR B 126 -10.23 -10.22 22.54
C TYR B 126 -9.20 -10.30 23.67
N ARG B 127 -9.63 -9.98 24.89
CA ARG B 127 -8.77 -10.05 26.07
C ARG B 127 -8.37 -11.48 26.45
N GLU B 128 -9.26 -12.44 26.24
CA GLU B 128 -8.98 -13.86 26.50
C GLU B 128 -7.97 -14.45 25.51
N ILE B 129 -8.08 -14.08 24.24
CA ILE B 129 -7.13 -14.51 23.20
C ILE B 129 -5.75 -13.92 23.48
N ASP B 130 -5.71 -12.61 23.72
CA ASP B 130 -4.46 -11.90 24.08
C ASP B 130 -3.79 -12.49 25.33
N LYS B 131 -4.59 -12.96 26.28
CA LYS B 131 -4.08 -13.66 27.47
C LYS B 131 -3.49 -15.02 27.09
N ARG B 132 -4.21 -15.77 26.26
CA ARG B 132 -3.70 -17.05 25.73
C ARG B 132 -2.45 -16.90 24.87
N MET B 133 -2.34 -15.80 24.13
CA MET B 133 -1.13 -15.47 23.38
C MET B 133 0.04 -15.21 24.33
N ASN B 134 -0.19 -14.36 25.32
CA ASN B 134 0.85 -14.00 26.30
C ASN B 134 1.23 -15.08 27.32
N SER B 135 0.48 -16.18 27.35
CA SER B 135 0.91 -17.38 28.09
C SER B 135 1.86 -18.25 27.24
N ILE B 136 1.65 -18.27 25.92
CA ILE B 136 2.45 -19.09 24.98
C ILE B 136 3.82 -18.46 24.63
N LYS B 137 3.91 -17.14 24.59
CA LYS B 137 5.16 -16.44 24.26
C LYS B 137 6.41 -16.90 25.04
N PRO B 138 6.29 -17.12 26.37
CA PRO B 138 7.39 -17.76 27.13
C PRO B 138 7.87 -19.09 26.56
N ASP B 139 6.93 -19.97 26.22
CA ASP B 139 7.25 -21.29 25.65
C ASP B 139 7.85 -21.16 24.26
N LEU B 140 7.26 -20.29 23.45
CA LEU B 140 7.67 -20.07 22.07
C LEU B 140 9.08 -19.46 21.98
N ILE B 141 9.32 -18.42 22.78
CA ILE B 141 10.63 -17.77 22.83
C ILE B 141 11.70 -18.71 23.36
N GLN B 142 11.37 -19.50 24.39
CA GLN B 142 12.33 -20.45 24.98
C GLN B 142 12.65 -21.59 24.02
N LEU B 143 11.63 -22.11 23.33
CA LEU B 143 11.83 -23.14 22.30
C LEU B 143 12.61 -22.66 21.08
N ARG B 144 12.53 -21.37 20.77
CA ARG B 144 13.39 -20.77 19.73
C ARG B 144 14.84 -20.79 20.20
N LYS B 145 15.07 -20.31 21.43
CA LYS B 145 16.41 -20.26 22.03
C LYS B 145 17.05 -21.65 22.19
N THR B 146 16.28 -22.61 22.70
CA THR B 146 16.76 -23.98 22.91
C THR B 146 17.17 -24.65 21.59
N ARG B 147 16.32 -24.50 20.57
CA ARG B 147 16.60 -24.99 19.21
C ARG B 147 17.91 -24.42 18.68
N ASP B 148 18.07 -23.10 18.82
CA ASP B 148 19.28 -22.41 18.39
C ASP B 148 20.54 -22.86 19.14
N GLN B 149 20.43 -23.04 20.46
CA GLN B 149 21.58 -23.45 21.28
C GLN B 149 22.09 -24.85 20.94
N TYR B 150 21.17 -25.79 20.75
CA TYR B 150 21.51 -27.15 20.31
C TYR B 150 22.08 -27.16 18.89
N LEU B 151 21.56 -26.28 18.03
CA LEU B 151 22.05 -26.15 16.66
C LEU B 151 23.46 -25.56 16.60
N MET B 152 23.72 -24.54 17.44
CA MET B 152 25.05 -23.94 17.56
C MET B 152 26.05 -24.88 18.22
N TRP B 153 25.59 -25.68 19.19
CA TRP B 153 26.40 -26.73 19.83
C TRP B 153 26.94 -27.74 18.81
N LEU B 154 26.07 -28.17 17.90
CA LEU B 154 26.44 -29.12 16.85
C LEU B 154 27.32 -28.49 15.76
N THR B 155 27.08 -27.22 15.43
CA THR B 155 27.96 -26.48 14.52
C THR B 155 29.39 -26.32 15.09
N GLN B 156 29.51 -26.11 16.40
CA GLN B 156 30.81 -26.14 17.10
C GLN B 156 31.47 -27.51 16.98
N LYS B 157 30.71 -28.55 17.31
CA LYS B 157 31.20 -29.93 17.22
C LYS B 157 31.55 -30.36 15.79
N GLY B 158 31.06 -29.61 14.80
CA GLY B 158 31.51 -29.74 13.41
C GLY B 158 30.68 -30.73 12.62
N VAL B 159 29.36 -30.66 12.79
CA VAL B 159 28.43 -31.54 12.09
C VAL B 159 28.12 -30.88 10.74
N ARG B 160 27.97 -31.71 9.71
CA ARG B 160 27.72 -31.22 8.35
C ARG B 160 26.33 -30.60 8.24
N GLN B 161 26.17 -29.66 7.31
CA GLN B 161 24.90 -28.98 7.07
C GLN B 161 23.80 -29.97 6.66
N LYS B 162 24.14 -30.95 5.83
CA LYS B 162 23.21 -31.99 5.37
C LYS B 162 22.62 -32.84 6.50
N LYS B 163 23.42 -33.11 7.53
CA LYS B 163 22.96 -33.90 8.70
C LYS B 163 22.07 -33.08 9.63
N LEU B 164 22.31 -31.77 9.70
CA LEU B 164 21.44 -30.85 10.47
C LEU B 164 20.07 -30.66 9.82
N ASN B 165 20.03 -30.66 8.49
CA ASN B 165 18.77 -30.52 7.74
C ASN B 165 17.82 -31.70 7.92
N GLU B 166 18.37 -32.90 8.06
CA GLU B 166 17.57 -34.10 8.36
C GLU B 166 16.82 -33.97 9.69
N TRP B 167 17.51 -33.49 10.72
CA TRP B 167 16.92 -33.29 12.05
C TRP B 167 15.91 -32.16 12.09
N LEU B 168 16.22 -31.05 11.42
CA LEU B 168 15.28 -29.92 11.32
C LEU B 168 14.05 -30.28 10.46
N GLY B 169 14.30 -30.92 9.31
CA GLY B 169 13.23 -31.35 8.42
C GLY B 169 12.66 -30.21 7.61
#